data_2J53
# 
_entry.id   2J53 
# 
_audit_conform.dict_name       mmcif_pdbx.dic 
_audit_conform.dict_version    5.392 
_audit_conform.dict_location   http://mmcif.pdb.org/dictionaries/ascii/mmcif_pdbx.dic 
# 
loop_
_database_2.database_id 
_database_2.database_code 
_database_2.pdbx_database_accession 
_database_2.pdbx_DOI 
PDB   2J53         pdb_00002j53 10.2210/pdb2j53/pdb 
PDBE  EBI-29934    ?            ?                   
WWPDB D_1290029934 ?            ?                   
# 
loop_
_pdbx_audit_revision_history.ordinal 
_pdbx_audit_revision_history.data_content_type 
_pdbx_audit_revision_history.major_revision 
_pdbx_audit_revision_history.minor_revision 
_pdbx_audit_revision_history.revision_date 
1 'Structure model' 1 0 2007-09-25 
2 'Structure model' 1 1 2011-05-08 
3 'Structure model' 1 2 2011-07-13 
4 'Structure model' 1 3 2024-05-15 
# 
_pdbx_audit_revision_details.ordinal             1 
_pdbx_audit_revision_details.revision_ordinal    1 
_pdbx_audit_revision_details.data_content_type   'Structure model' 
_pdbx_audit_revision_details.provider            repository 
_pdbx_audit_revision_details.type                'Initial release' 
_pdbx_audit_revision_details.description         ? 
_pdbx_audit_revision_details.details             ? 
# 
loop_
_pdbx_audit_revision_group.ordinal 
_pdbx_audit_revision_group.revision_ordinal 
_pdbx_audit_revision_group.data_content_type 
_pdbx_audit_revision_group.group 
1 2 'Structure model' 'Version format compliance' 
2 3 'Structure model' 'Version format compliance' 
3 4 'Structure model' 'Data collection'           
4 4 'Structure model' 'Database references'       
5 4 'Structure model' Other                       
# 
loop_
_pdbx_audit_revision_category.ordinal 
_pdbx_audit_revision_category.revision_ordinal 
_pdbx_audit_revision_category.data_content_type 
_pdbx_audit_revision_category.category 
1 4 'Structure model' chem_comp_atom       
2 4 'Structure model' chem_comp_bond       
3 4 'Structure model' database_2           
4 4 'Structure model' pdbx_database_status 
# 
loop_
_pdbx_audit_revision_item.ordinal 
_pdbx_audit_revision_item.revision_ordinal 
_pdbx_audit_revision_item.data_content_type 
_pdbx_audit_revision_item.item 
1 4 'Structure model' '_database_2.pdbx_DOI'                 
2 4 'Structure model' '_database_2.pdbx_database_accession'  
3 4 'Structure model' '_pdbx_database_status.status_code_mr' 
# 
_pdbx_database_status.status_code                     REL 
_pdbx_database_status.entry_id                        2J53 
_pdbx_database_status.deposit_site                    PDBE 
_pdbx_database_status.process_site                    PDBE 
_pdbx_database_status.SG_entry                        . 
_pdbx_database_status.recvd_initial_deposition_date   2006-09-11 
_pdbx_database_status.pdb_format_compatible           Y 
_pdbx_database_status.status_code_sf                  ? 
_pdbx_database_status.status_code_mr                  REL 
_pdbx_database_status.status_code_cs                  ? 
_pdbx_database_status.methods_development_category    ? 
_pdbx_database_status.status_code_nmr_data            ? 
# 
loop_
_pdbx_database_related.db_name 
_pdbx_database_related.db_id 
_pdbx_database_related.content_type 
_pdbx_database_related.details 
PDB 1EM7 unspecified 'HELIX VARIANT OF THE B1 DOMAIN FROM STREPTOCOCCAL PROTEIN G' 
PDB 1GB1 unspecified . 
PDB 1IGC unspecified 'IGG1 FAB FRAGMENT (MOPC21) COMPLEX WITH DOMAIN III OF 1IGC 3PROTEIN G FROM STREPTOCOCCUS 1IGC 4' 
PDB 1IGD unspecified . 
PDB 1LE3 unspecified 
'NMR STRUCTURE OF TRYPTOPHAN ZIPPER 4: A STABLE BETA-HAIRPINPEPTIDE BASED ON THE C- TERMINAL HAIRPIN OF THE B1 DOMAINOF PROTEIN G' 
PDB 1MPE unspecified 'ENSEMBLE OF 20 STRUCTURES OF THE TETRAMERIC MUTANT OF THEB1 DOMAIN OF STREPTOCOCCAL PROTEIN G' 
PDB 1MVK unspecified 'X-RAY STRUCTURE OF THE TETRAMERIC MUTANT OF THE B1 DOMAINOF STREPTOCOCCAL PROTEIN G' 
PDB 1PGA unspecified . 
PDB 1PGB unspecified . 
PDB 1PGX unspecified . 
PDB 1PN5 unspecified 'NMR STRUCTURE OF THE NALP1 PYRIN DOMAIN ( PYD)' 
PDB 1Q10 unspecified 'ENSEMBLE OF 40 STRUCTURES OF THE DIMERIC MUTANT OF THE B1DOMAIN OF STREPTOCOCCAL PROTEIN G' 
PDB 2GB1 unspecified . 
PDB 2IGD unspecified 'ANISOTROPIC STRUCTURE OF PROTEIN G IGG- BINDING DOMAIN IIIAT 1.1 ANGSTROM RESOLUTION' 
PDB 2IGH unspecified 'RELATED ENTRIES' 
PDB 2J52 unspecified 'SOLUTION STRUCTURE OF GB1 DOMAIN PROTEIN G AND LOW AND HIGH PRESSURE.' 
# 
loop_
_audit_author.name 
_audit_author.pdbx_ordinal 
'Wilton, D.J.'      1 
'Tunnicliffe, R.B.' 2 
'Kamatari, Y.O.'    3 
'Akasaka, K.'       4 
'Williamson, M.P.'  5 
# 
_citation.id                        primary 
_citation.title                     'Pressure-Induced Changes in the Solution Structure of the Gb1 Domain of Protein G.' 
_citation.journal_abbrev            Proteins 
_citation.journal_volume            71 
_citation.page_first                1432 
_citation.page_last                 ? 
_citation.year                      2008 
_citation.journal_id_ASTM           PSFGEY 
_citation.country                   US 
_citation.journal_id_ISSN           0887-3585 
_citation.journal_id_CSD            0867 
_citation.book_publisher            ? 
_citation.pdbx_database_id_PubMed   18076052 
_citation.pdbx_database_id_DOI      10.1002/PROT.21832 
# 
loop_
_citation_author.citation_id 
_citation_author.name 
_citation_author.ordinal 
_citation_author.identifier_ORCID 
primary 'Wilton, D.J.'      1 ? 
primary 'Tunnicliffe, R.B.' 2 ? 
primary 'Kamatari, Y.O.'    3 ? 
primary 'Akasaka, K.'       4 ? 
primary 'Williamson, M.P.'  5 ? 
# 
_entity.id                         1 
_entity.type                       polymer 
_entity.src_method                 man 
_entity.pdbx_description           'IMMUNOGLOBULIN G-BINDING PROTEIN G' 
_entity.formula_weight             6157.773 
_entity.pdbx_number_of_molecules   1 
_entity.pdbx_ec                    ? 
_entity.pdbx_mutation              YES 
_entity.pdbx_fragment              'RESIDUES 228-282' 
_entity.details                    ? 
# 
_entity_name_com.entity_id   1 
_entity_name_com.name        'PROTEIN G, IGG-BINDING PROTEIN G' 
# 
_entity_poly.entity_id                      1 
_entity_poly.type                           'polypeptide(L)' 
_entity_poly.nstd_linkage                   no 
_entity_poly.nstd_monomer                   no 
_entity_poly.pdbx_seq_one_letter_code       MTYKLILNGKTLKGETTTEAVDAATAEKVFKQYANDNGVDGEWTYDAATKTFTVTE 
_entity_poly.pdbx_seq_one_letter_code_can   MTYKLILNGKTLKGETTTEAVDAATAEKVFKQYANDNGVDGEWTYDAATKTFTVTE 
_entity_poly.pdbx_strand_id                 A 
_entity_poly.pdbx_target_identifier         ? 
# 
loop_
_entity_poly_seq.entity_id 
_entity_poly_seq.num 
_entity_poly_seq.mon_id 
_entity_poly_seq.hetero 
1 1  MET n 
1 2  THR n 
1 3  TYR n 
1 4  LYS n 
1 5  LEU n 
1 6  ILE n 
1 7  LEU n 
1 8  ASN n 
1 9  GLY n 
1 10 LYS n 
1 11 THR n 
1 12 LEU n 
1 13 LYS n 
1 14 GLY n 
1 15 GLU n 
1 16 THR n 
1 17 THR n 
1 18 THR n 
1 19 GLU n 
1 20 ALA n 
1 21 VAL n 
1 22 ASP n 
1 23 ALA n 
1 24 ALA n 
1 25 THR n 
1 26 ALA n 
1 27 GLU n 
1 28 LYS n 
1 29 VAL n 
1 30 PHE n 
1 31 LYS n 
1 32 GLN n 
1 33 TYR n 
1 34 ALA n 
1 35 ASN n 
1 36 ASP n 
1 37 ASN n 
1 38 GLY n 
1 39 VAL n 
1 40 ASP n 
1 41 GLY n 
1 42 GLU n 
1 43 TRP n 
1 44 THR n 
1 45 TYR n 
1 46 ASP n 
1 47 ALA n 
1 48 ALA n 
1 49 THR n 
1 50 LYS n 
1 51 THR n 
1 52 PHE n 
1 53 THR n 
1 54 VAL n 
1 55 THR n 
1 56 GLU n 
# 
_entity_src_gen.entity_id                          1 
_entity_src_gen.pdbx_src_id                        1 
_entity_src_gen.pdbx_alt_source_flag               sample 
_entity_src_gen.pdbx_seq_type                      ? 
_entity_src_gen.pdbx_beg_seq_num                   ? 
_entity_src_gen.pdbx_end_seq_num                   ? 
_entity_src_gen.gene_src_common_name               ? 
_entity_src_gen.gene_src_genus                     ? 
_entity_src_gen.pdbx_gene_src_gene                 ? 
_entity_src_gen.gene_src_species                   ? 
_entity_src_gen.gene_src_strain                    ? 
_entity_src_gen.gene_src_tissue                    ? 
_entity_src_gen.gene_src_tissue_fraction           ? 
_entity_src_gen.gene_src_details                   ? 
_entity_src_gen.pdbx_gene_src_fragment             ? 
_entity_src_gen.pdbx_gene_src_scientific_name      'STREPTOCOCCUS SP.' 
_entity_src_gen.pdbx_gene_src_ncbi_taxonomy_id     1306 
_entity_src_gen.pdbx_gene_src_variant              ? 
_entity_src_gen.pdbx_gene_src_cell_line            ? 
_entity_src_gen.pdbx_gene_src_atcc                 ? 
_entity_src_gen.pdbx_gene_src_organ                ? 
_entity_src_gen.pdbx_gene_src_organelle            ? 
_entity_src_gen.pdbx_gene_src_cell                 ? 
_entity_src_gen.pdbx_gene_src_cellular_location    ? 
_entity_src_gen.host_org_common_name               ? 
_entity_src_gen.pdbx_host_org_scientific_name      'ESCHERICHIA COLI' 
_entity_src_gen.pdbx_host_org_ncbi_taxonomy_id     469008 
_entity_src_gen.host_org_genus                     ? 
_entity_src_gen.pdbx_host_org_gene                 ? 
_entity_src_gen.pdbx_host_org_organ                ? 
_entity_src_gen.host_org_species                   ? 
_entity_src_gen.pdbx_host_org_tissue               ? 
_entity_src_gen.pdbx_host_org_tissue_fraction      ? 
_entity_src_gen.pdbx_host_org_strain               'BL21 (DE3) PLYSS' 
_entity_src_gen.pdbx_host_org_variant              ? 
_entity_src_gen.pdbx_host_org_cell_line            ? 
_entity_src_gen.pdbx_host_org_atcc                 ? 
_entity_src_gen.pdbx_host_org_culture_collection   ? 
_entity_src_gen.pdbx_host_org_cell                 ? 
_entity_src_gen.pdbx_host_org_organelle            ? 
_entity_src_gen.pdbx_host_org_cellular_location    ? 
_entity_src_gen.pdbx_host_org_vector_type          ? 
_entity_src_gen.pdbx_host_org_vector               ? 
_entity_src_gen.host_org_details                   ? 
_entity_src_gen.expression_system_id               ? 
_entity_src_gen.plasmid_name                       PET15B 
_entity_src_gen.plasmid_details                    ? 
_entity_src_gen.pdbx_description                   ? 
# 
loop_
_chem_comp.id 
_chem_comp.type 
_chem_comp.mon_nstd_flag 
_chem_comp.name 
_chem_comp.pdbx_synonyms 
_chem_comp.formula 
_chem_comp.formula_weight 
ALA 'L-peptide linking' y ALANINE         ? 'C3 H7 N O2'     89.093  
ASN 'L-peptide linking' y ASPARAGINE      ? 'C4 H8 N2 O3'    132.118 
ASP 'L-peptide linking' y 'ASPARTIC ACID' ? 'C4 H7 N O4'     133.103 
GLN 'L-peptide linking' y GLUTAMINE       ? 'C5 H10 N2 O3'   146.144 
GLU 'L-peptide linking' y 'GLUTAMIC ACID' ? 'C5 H9 N O4'     147.129 
GLY 'peptide linking'   y GLYCINE         ? 'C2 H5 N O2'     75.067  
ILE 'L-peptide linking' y ISOLEUCINE      ? 'C6 H13 N O2'    131.173 
LEU 'L-peptide linking' y LEUCINE         ? 'C6 H13 N O2'    131.173 
LYS 'L-peptide linking' y LYSINE          ? 'C6 H15 N2 O2 1' 147.195 
MET 'L-peptide linking' y METHIONINE      ? 'C5 H11 N O2 S'  149.211 
PHE 'L-peptide linking' y PHENYLALANINE   ? 'C9 H11 N O2'    165.189 
THR 'L-peptide linking' y THREONINE       ? 'C4 H9 N O3'     119.119 
TRP 'L-peptide linking' y TRYPTOPHAN      ? 'C11 H12 N2 O2'  204.225 
TYR 'L-peptide linking' y TYROSINE        ? 'C9 H11 N O3'    181.189 
VAL 'L-peptide linking' y VALINE          ? 'C5 H11 N O2'    117.146 
# 
loop_
_pdbx_poly_seq_scheme.asym_id 
_pdbx_poly_seq_scheme.entity_id 
_pdbx_poly_seq_scheme.seq_id 
_pdbx_poly_seq_scheme.mon_id 
_pdbx_poly_seq_scheme.ndb_seq_num 
_pdbx_poly_seq_scheme.pdb_seq_num 
_pdbx_poly_seq_scheme.auth_seq_num 
_pdbx_poly_seq_scheme.pdb_mon_id 
_pdbx_poly_seq_scheme.auth_mon_id 
_pdbx_poly_seq_scheme.pdb_strand_id 
_pdbx_poly_seq_scheme.pdb_ins_code 
_pdbx_poly_seq_scheme.hetero 
A 1 1  MET 1  1  1  MET MET A . n 
A 1 2  THR 2  2  2  THR THR A . n 
A 1 3  TYR 3  3  3  TYR TYR A . n 
A 1 4  LYS 4  4  4  LYS LYS A . n 
A 1 5  LEU 5  5  5  LEU LEU A . n 
A 1 6  ILE 6  6  6  ILE ILE A . n 
A 1 7  LEU 7  7  7  LEU LEU A . n 
A 1 8  ASN 8  8  8  ASN ASN A . n 
A 1 9  GLY 9  9  9  GLY GLY A . n 
A 1 10 LYS 10 10 10 LYS LYS A . n 
A 1 11 THR 11 11 11 THR THR A . n 
A 1 12 LEU 12 12 12 LEU LEU A . n 
A 1 13 LYS 13 13 13 LYS LYS A . n 
A 1 14 GLY 14 14 14 GLY GLY A . n 
A 1 15 GLU 15 15 15 GLU GLU A . n 
A 1 16 THR 16 16 16 THR THR A . n 
A 1 17 THR 17 17 17 THR THR A . n 
A 1 18 THR 18 18 18 THR THR A . n 
A 1 19 GLU 19 19 19 GLU GLU A . n 
A 1 20 ALA 20 20 20 ALA ALA A . n 
A 1 21 VAL 21 21 21 VAL VAL A . n 
A 1 22 ASP 22 22 22 ASP ASP A . n 
A 1 23 ALA 23 23 23 ALA ALA A . n 
A 1 24 ALA 24 24 24 ALA ALA A . n 
A 1 25 THR 25 25 25 THR THR A . n 
A 1 26 ALA 26 26 26 ALA ALA A . n 
A 1 27 GLU 27 27 27 GLU GLU A . n 
A 1 28 LYS 28 28 28 LYS LYS A . n 
A 1 29 VAL 29 29 29 VAL VAL A . n 
A 1 30 PHE 30 30 30 PHE PHE A . n 
A 1 31 LYS 31 31 31 LYS LYS A . n 
A 1 32 GLN 32 32 32 GLN GLN A . n 
A 1 33 TYR 33 33 33 TYR TYR A . n 
A 1 34 ALA 34 34 34 ALA ALA A . n 
A 1 35 ASN 35 35 35 ASN ASN A . n 
A 1 36 ASP 36 36 36 ASP ASP A . n 
A 1 37 ASN 37 37 37 ASN ASN A . n 
A 1 38 GLY 38 38 38 GLY GLY A . n 
A 1 39 VAL 39 39 39 VAL VAL A . n 
A 1 40 ASP 40 40 40 ASP ASP A . n 
A 1 41 GLY 41 41 41 GLY GLY A . n 
A 1 42 GLU 42 42 42 GLU GLU A . n 
A 1 43 TRP 43 43 43 TRP TRP A . n 
A 1 44 THR 44 44 44 THR THR A . n 
A 1 45 TYR 45 45 45 TYR TYR A . n 
A 1 46 ASP 46 46 46 ASP ASP A . n 
A 1 47 ALA 47 47 47 ALA ALA A . n 
A 1 48 ALA 48 48 48 ALA ALA A . n 
A 1 49 THR 49 49 49 THR THR A . n 
A 1 50 LYS 50 50 50 LYS LYS A . n 
A 1 51 THR 51 51 51 THR THR A . n 
A 1 52 PHE 52 52 52 PHE PHE A . n 
A 1 53 THR 53 53 53 THR THR A . n 
A 1 54 VAL 54 54 54 VAL VAL A . n 
A 1 55 THR 55 55 55 THR THR A . n 
A 1 56 GLU 56 56 56 GLU GLU A . n 
# 
_cell.entry_id           2J53 
_cell.length_a           1.000 
_cell.length_b           1.000 
_cell.length_c           1.000 
_cell.angle_alpha        90.00 
_cell.angle_beta         90.00 
_cell.angle_gamma        90.00 
_cell.Z_PDB              1 
_cell.pdbx_unique_axis   ? 
# 
_symmetry.entry_id                         2J53 
_symmetry.space_group_name_H-M             'P 1' 
_symmetry.pdbx_full_space_group_name_H-M   ? 
_symmetry.cell_setting                     ? 
_symmetry.Int_Tables_number                1 
# 
_exptl.entry_id          2J53 
_exptl.method            'SOLUTION NMR' 
_exptl.crystals_number   ? 
# 
_struct.entry_id                  2J53 
_struct.title                     'Solution Structure of GB1 domain Protein G and low and high pressure.' 
_struct.pdbx_model_details        ? 
_struct.pdbx_CASP_flag            ? 
_struct.pdbx_model_type_details   'MINIMIZED AVERAGE' 
# 
_struct_keywords.entry_id        2J53 
_struct_keywords.pdbx_keywords   IMMUNOGLOBULIN 
_struct_keywords.text            'PEPTIDOGLYCAN-ANCHOR, IMMUNOGLOBULIN, PRESSURE, CELL WALL, PROTEIN G, IGG-BINDING PROTEIN' 
# 
_struct_asym.id                            A 
_struct_asym.pdbx_blank_PDB_chainid_flag   N 
_struct_asym.pdbx_modified                 N 
_struct_asym.entity_id                     1 
_struct_asym.details                       ? 
# 
loop_
_struct_ref.id 
_struct_ref.db_name 
_struct_ref.db_code 
_struct_ref.entity_id 
_struct_ref.pdbx_seq_one_letter_code 
_struct_ref.pdbx_align_begin 
_struct_ref.pdbx_db_accession 
_struct_ref.pdbx_db_isoform 
1 PDB 2J53       1 ? ? 2J53   ? 
2 UNP SPG1_STRSG 1 ? ? P06654 ? 
# 
loop_
_struct_ref_seq.align_id 
_struct_ref_seq.ref_id 
_struct_ref_seq.pdbx_PDB_id_code 
_struct_ref_seq.pdbx_strand_id 
_struct_ref_seq.seq_align_beg 
_struct_ref_seq.pdbx_seq_align_beg_ins_code 
_struct_ref_seq.seq_align_end 
_struct_ref_seq.pdbx_seq_align_end_ins_code 
_struct_ref_seq.pdbx_db_accession 
_struct_ref_seq.db_align_beg 
_struct_ref_seq.pdbx_db_align_beg_ins_code 
_struct_ref_seq.db_align_end 
_struct_ref_seq.pdbx_db_align_end_ins_code 
_struct_ref_seq.pdbx_auth_seq_align_beg 
_struct_ref_seq.pdbx_auth_seq_align_end 
1 1 2J53 A 1 ? 1  ? 2J53   1   ? 1   ? 1 1  
2 2 2J53 A 2 ? 56 ? P06654 228 ? 282 ? 2 56 
# 
_struct_ref_seq_dif.align_id                     1 
_struct_ref_seq_dif.pdbx_pdb_id_code             2J53 
_struct_ref_seq_dif.mon_id                       ALA 
_struct_ref_seq_dif.pdbx_pdb_strand_id           A 
_struct_ref_seq_dif.seq_num                      47 
_struct_ref_seq_dif.pdbx_pdb_ins_code            ? 
_struct_ref_seq_dif.pdbx_seq_db_name             UNP 
_struct_ref_seq_dif.pdbx_seq_db_accession_code   P06654 
_struct_ref_seq_dif.db_mon_id                    ASP 
_struct_ref_seq_dif.pdbx_seq_db_seq_num          273 
_struct_ref_seq_dif.details                      'engineered mutation' 
_struct_ref_seq_dif.pdbx_auth_seq_num            47 
_struct_ref_seq_dif.pdbx_ordinal                 1 
# 
_pdbx_struct_assembly.id                   1 
_pdbx_struct_assembly.details              author_defined_assembly 
_pdbx_struct_assembly.method_details       ? 
_pdbx_struct_assembly.oligomeric_details   monomeric 
_pdbx_struct_assembly.oligomeric_count     1 
# 
_pdbx_struct_assembly_gen.assembly_id       1 
_pdbx_struct_assembly_gen.oper_expression   1 
_pdbx_struct_assembly_gen.asym_id_list      A 
# 
_pdbx_struct_oper_list.id                   1 
_pdbx_struct_oper_list.type                 'identity operation' 
_pdbx_struct_oper_list.name                 1_555 
_pdbx_struct_oper_list.symmetry_operation   x,y,z 
_pdbx_struct_oper_list.matrix[1][1]         1.0000000000 
_pdbx_struct_oper_list.matrix[1][2]         0.0000000000 
_pdbx_struct_oper_list.matrix[1][3]         0.0000000000 
_pdbx_struct_oper_list.vector[1]            0.0000000000 
_pdbx_struct_oper_list.matrix[2][1]         0.0000000000 
_pdbx_struct_oper_list.matrix[2][2]         1.0000000000 
_pdbx_struct_oper_list.matrix[2][3]         0.0000000000 
_pdbx_struct_oper_list.vector[2]            0.0000000000 
_pdbx_struct_oper_list.matrix[3][1]         0.0000000000 
_pdbx_struct_oper_list.matrix[3][2]         0.0000000000 
_pdbx_struct_oper_list.matrix[3][3]         1.0000000000 
_pdbx_struct_oper_list.vector[3]            0.0000000000 
# 
_struct_biol.id   1 
# 
_struct_conf.conf_type_id            HELX_P 
_struct_conf.id                      HELX_P1 
_struct_conf.pdbx_PDB_helix_id       1 
_struct_conf.beg_label_comp_id       ASP 
_struct_conf.beg_label_asym_id       A 
_struct_conf.beg_label_seq_id        22 
_struct_conf.pdbx_beg_PDB_ins_code   ? 
_struct_conf.end_label_comp_id       ASN 
_struct_conf.end_label_asym_id       A 
_struct_conf.end_label_seq_id        37 
_struct_conf.pdbx_end_PDB_ins_code   ? 
_struct_conf.beg_auth_comp_id        ASP 
_struct_conf.beg_auth_asym_id        A 
_struct_conf.beg_auth_seq_id         22 
_struct_conf.end_auth_comp_id        ASN 
_struct_conf.end_auth_asym_id        A 
_struct_conf.end_auth_seq_id         37 
_struct_conf.pdbx_PDB_helix_class    1 
_struct_conf.details                 ? 
_struct_conf.pdbx_PDB_helix_length   16 
# 
_struct_conf_type.id          HELX_P 
_struct_conf_type.criteria    ? 
_struct_conf_type.reference   ? 
# 
_struct_sheet.id               AA 
_struct_sheet.type             ? 
_struct_sheet.number_strands   4 
_struct_sheet.details          ? 
# 
loop_
_struct_sheet_order.sheet_id 
_struct_sheet_order.range_id_1 
_struct_sheet_order.range_id_2 
_struct_sheet_order.offset 
_struct_sheet_order.sense 
AA 1 2 ? anti-parallel 
AA 2 3 ? parallel      
AA 3 4 ? anti-parallel 
# 
loop_
_struct_sheet_range.sheet_id 
_struct_sheet_range.id 
_struct_sheet_range.beg_label_comp_id 
_struct_sheet_range.beg_label_asym_id 
_struct_sheet_range.beg_label_seq_id 
_struct_sheet_range.pdbx_beg_PDB_ins_code 
_struct_sheet_range.end_label_comp_id 
_struct_sheet_range.end_label_asym_id 
_struct_sheet_range.end_label_seq_id 
_struct_sheet_range.pdbx_end_PDB_ins_code 
_struct_sheet_range.beg_auth_comp_id 
_struct_sheet_range.beg_auth_asym_id 
_struct_sheet_range.beg_auth_seq_id 
_struct_sheet_range.end_auth_comp_id 
_struct_sheet_range.end_auth_asym_id 
_struct_sheet_range.end_auth_seq_id 
AA 1 LYS A 13 ? THR A 18 ? LYS A 13 THR A 18 
AA 2 TYR A 3  ? ASN A 8  ? TYR A 3  ASN A 8  
AA 3 THR A 51 ? THR A 55 ? THR A 51 THR A 55 
AA 4 GLU A 42 ? TYR A 45 ? GLU A 42 TYR A 45 
# 
loop_
_pdbx_struct_sheet_hbond.sheet_id 
_pdbx_struct_sheet_hbond.range_id_1 
_pdbx_struct_sheet_hbond.range_id_2 
_pdbx_struct_sheet_hbond.range_1_label_atom_id 
_pdbx_struct_sheet_hbond.range_1_label_comp_id 
_pdbx_struct_sheet_hbond.range_1_label_asym_id 
_pdbx_struct_sheet_hbond.range_1_label_seq_id 
_pdbx_struct_sheet_hbond.range_1_PDB_ins_code 
_pdbx_struct_sheet_hbond.range_1_auth_atom_id 
_pdbx_struct_sheet_hbond.range_1_auth_comp_id 
_pdbx_struct_sheet_hbond.range_1_auth_asym_id 
_pdbx_struct_sheet_hbond.range_1_auth_seq_id 
_pdbx_struct_sheet_hbond.range_2_label_atom_id 
_pdbx_struct_sheet_hbond.range_2_label_comp_id 
_pdbx_struct_sheet_hbond.range_2_label_asym_id 
_pdbx_struct_sheet_hbond.range_2_label_seq_id 
_pdbx_struct_sheet_hbond.range_2_PDB_ins_code 
_pdbx_struct_sheet_hbond.range_2_auth_atom_id 
_pdbx_struct_sheet_hbond.range_2_auth_comp_id 
_pdbx_struct_sheet_hbond.range_2_auth_asym_id 
_pdbx_struct_sheet_hbond.range_2_auth_seq_id 
AA 1 2 N THR A 18 ? N THR A 18 O TYR A 3  ? O TYR A 3  
AA 2 3 N ILE A 6  ? N ILE A 6  O PHE A 52 ? O PHE A 52 
AA 3 4 N THR A 55 ? N THR A 55 O GLU A 42 ? O GLU A 42 
# 
loop_
_pdbx_validate_close_contact.id 
_pdbx_validate_close_contact.PDB_model_num 
_pdbx_validate_close_contact.auth_atom_id_1 
_pdbx_validate_close_contact.auth_asym_id_1 
_pdbx_validate_close_contact.auth_comp_id_1 
_pdbx_validate_close_contact.auth_seq_id_1 
_pdbx_validate_close_contact.PDB_ins_code_1 
_pdbx_validate_close_contact.label_alt_id_1 
_pdbx_validate_close_contact.auth_atom_id_2 
_pdbx_validate_close_contact.auth_asym_id_2 
_pdbx_validate_close_contact.auth_comp_id_2 
_pdbx_validate_close_contact.auth_seq_id_2 
_pdbx_validate_close_contact.PDB_ins_code_2 
_pdbx_validate_close_contact.label_alt_id_2 
_pdbx_validate_close_contact.dist 
1  1 O    A GLY 9  ? ? HZ1 A LYS 13 ? ? 1.29 
2  1 OH   A TYR 3  ? ? HZ2 A LYS 50 ? ? 1.31 
3  1 H2   A MET 1  ? ? O   A ALA 20 ? ? 1.33 
4  1 OE2  A GLU 27 ? ? HZ1 A LYS 31 ? ? 1.35 
5  1 O    A ALA 24 ? ? HZ1 A LYS 28 ? ? 1.37 
6  1 OE1  A GLU 27 ? ? HZ3 A LYS 28 ? ? 1.37 
7  1 HZ2  A LYS 4  ? ? OE1 A GLU 15 ? ? 1.39 
8  1 HZ3  A LYS 10 ? ? OXT A GLU 56 ? ? 1.40 
9  1 OD2  A ASP 46 ? ? H   A THR 49 ? ? 1.44 
10 1 O    A LYS 10 ? ? HZ2 A LYS 13 ? ? 1.45 
11 1 O    A GLN 32 ? ? H   A ASP 36 ? ? 1.45 
12 1 OD1  A ASP 22 ? ? H   A THR 25 ? ? 1.45 
13 1 HG1  A THR 44 ? ? OG1 A THR 53 ? ? 1.48 
14 1 O    A THR 44 ? ? HG1 A THR 53 ? ? 1.48 
15 1 O    A VAL 54 ? ? HG1 A THR 55 ? ? 1.52 
16 1 O    A GLU 27 ? ? H   A LYS 31 ? ? 1.53 
17 1 OD2  A ASP 40 ? ? HE1 A TRP 43 ? ? 1.53 
18 1 H    A LYS 10 ? ? OE1 A GLU 56 ? ? 1.53 
19 1 O    A LYS 4  ? ? H   A PHE 52 ? ? 1.53 
20 1 OD2  A ASP 46 ? ? HG1 A THR 49 ? ? 1.54 
21 1 O    A ALA 34 ? ? H   A VAL 39 ? ? 1.55 
22 1 HE21 A GLN 32 ? ? OD1 A ASP 36 ? ? 1.55 
23 1 H1   A MET 1  ? ? OE1 A GLU 19 ? ? 1.55 
24 1 H    A GLU 42 ? ? O   A THR 55 ? ? 1.55 
25 1 O    A LYS 31 ? ? H   A ASN 35 ? ? 1.58 
26 1 OE1  A GLU 19 ? ? H   A ALA 20 ? ? 1.59 
27 1 HH   A TYR 33 ? ? OD1 A ASN 37 ? ? 1.59 
28 1 O    A ALA 26 ? ? H   A PHE 30 ? ? 1.60 
# 
loop_
_pdbx_validate_torsion.id 
_pdbx_validate_torsion.PDB_model_num 
_pdbx_validate_torsion.auth_comp_id 
_pdbx_validate_torsion.auth_asym_id 
_pdbx_validate_torsion.auth_seq_id 
_pdbx_validate_torsion.PDB_ins_code 
_pdbx_validate_torsion.label_alt_id 
_pdbx_validate_torsion.phi 
_pdbx_validate_torsion.psi 
1 1 ALA A 20 ? ? 168.40  156.85  
2 1 ASP A 22 ? ? -113.90 -165.46 
3 1 ASP A 40 ? ? -172.47 -142.59 
# 
_pdbx_entry_details.entry_id                 2J53 
_pdbx_entry_details.compound_details         'ENGINEERED RESIDUE IN CHAIN A, ASP 273 TO ALA' 
_pdbx_entry_details.source_details           ? 
_pdbx_entry_details.nonpolymer_details       ? 
_pdbx_entry_details.sequence_details         'SUBSTITUTE D273A' 
_pdbx_entry_details.has_ligand_of_interest   ? 
# 
_pdbx_nmr_ensemble.entry_id                             2J53 
_pdbx_nmr_ensemble.conformers_calculated_total_number   50 
_pdbx_nmr_ensemble.conformers_submitted_total_number    1 
_pdbx_nmr_ensemble.conformer_selection_criteria         'MINIMIZED AVERAGE' 
# 
_pdbx_nmr_sample_details.solution_id   1 
_pdbx_nmr_sample_details.contents      90%WATER/10%D2O 
# 
_pdbx_nmr_exptl_sample_conditions.conditions_id          1 
_pdbx_nmr_exptl_sample_conditions.temperature            287.0 
_pdbx_nmr_exptl_sample_conditions.pressure_units         atm 
_pdbx_nmr_exptl_sample_conditions.pressure               2000.0 
_pdbx_nmr_exptl_sample_conditions.pH                     5.4 
_pdbx_nmr_exptl_sample_conditions.ionic_strength         0.1 
_pdbx_nmr_exptl_sample_conditions.ionic_strength_units   M 
_pdbx_nmr_exptl_sample_conditions.pH_units               pH 
_pdbx_nmr_exptl_sample_conditions.temperature_units      K 
# 
_pdbx_nmr_exptl.experiment_id   1 
_pdbx_nmr_exptl.conditions_id   1 
_pdbx_nmr_exptl.type            HSQC 
_pdbx_nmr_exptl.solution_id     1 
# 
_pdbx_nmr_details.entry_id   2J53 
_pdbx_nmr_details.text       NONE 
# 
_pdbx_nmr_refine.entry_id           2J53 
_pdbx_nmr_refine.method             ? 
_pdbx_nmr_refine.details            'THIS STRUCTURE IS FOR COMPARISON WITH THE ACCOMPANYING LOW PRESSURE STRUCTURE(2J52)' 
_pdbx_nmr_refine.software_ordinal   1 
# 
loop_
_pdbx_nmr_software.classification 
_pdbx_nmr_software.name 
_pdbx_nmr_software.version 
_pdbx_nmr_software.authors 
_pdbx_nmr_software.ordinal 
refinement           X-PLOR 3.1 BRUNGER 1 
'structure solution' X-PLOR 3.1 ?       2 
# 
loop_
_chem_comp_atom.comp_id 
_chem_comp_atom.atom_id 
_chem_comp_atom.type_symbol 
_chem_comp_atom.pdbx_aromatic_flag 
_chem_comp_atom.pdbx_stereo_config 
_chem_comp_atom.pdbx_ordinal 
ALA N    N N N 1   
ALA CA   C N S 2   
ALA C    C N N 3   
ALA O    O N N 4   
ALA CB   C N N 5   
ALA OXT  O N N 6   
ALA H    H N N 7   
ALA H2   H N N 8   
ALA HA   H N N 9   
ALA HB1  H N N 10  
ALA HB2  H N N 11  
ALA HB3  H N N 12  
ALA HXT  H N N 13  
ASN N    N N N 14  
ASN CA   C N S 15  
ASN C    C N N 16  
ASN O    O N N 17  
ASN CB   C N N 18  
ASN CG   C N N 19  
ASN OD1  O N N 20  
ASN ND2  N N N 21  
ASN OXT  O N N 22  
ASN H    H N N 23  
ASN H2   H N N 24  
ASN HA   H N N 25  
ASN HB2  H N N 26  
ASN HB3  H N N 27  
ASN HD21 H N N 28  
ASN HD22 H N N 29  
ASN HXT  H N N 30  
ASP N    N N N 31  
ASP CA   C N S 32  
ASP C    C N N 33  
ASP O    O N N 34  
ASP CB   C N N 35  
ASP CG   C N N 36  
ASP OD1  O N N 37  
ASP OD2  O N N 38  
ASP OXT  O N N 39  
ASP H    H N N 40  
ASP H2   H N N 41  
ASP HA   H N N 42  
ASP HB2  H N N 43  
ASP HB3  H N N 44  
ASP HD2  H N N 45  
ASP HXT  H N N 46  
GLN N    N N N 47  
GLN CA   C N S 48  
GLN C    C N N 49  
GLN O    O N N 50  
GLN CB   C N N 51  
GLN CG   C N N 52  
GLN CD   C N N 53  
GLN OE1  O N N 54  
GLN NE2  N N N 55  
GLN OXT  O N N 56  
GLN H    H N N 57  
GLN H2   H N N 58  
GLN HA   H N N 59  
GLN HB2  H N N 60  
GLN HB3  H N N 61  
GLN HG2  H N N 62  
GLN HG3  H N N 63  
GLN HE21 H N N 64  
GLN HE22 H N N 65  
GLN HXT  H N N 66  
GLU N    N N N 67  
GLU CA   C N S 68  
GLU C    C N N 69  
GLU O    O N N 70  
GLU CB   C N N 71  
GLU CG   C N N 72  
GLU CD   C N N 73  
GLU OE1  O N N 74  
GLU OE2  O N N 75  
GLU OXT  O N N 76  
GLU H    H N N 77  
GLU H2   H N N 78  
GLU HA   H N N 79  
GLU HB2  H N N 80  
GLU HB3  H N N 81  
GLU HG2  H N N 82  
GLU HG3  H N N 83  
GLU HE2  H N N 84  
GLU HXT  H N N 85  
GLY N    N N N 86  
GLY CA   C N N 87  
GLY C    C N N 88  
GLY O    O N N 89  
GLY OXT  O N N 90  
GLY H    H N N 91  
GLY H2   H N N 92  
GLY HA2  H N N 93  
GLY HA3  H N N 94  
GLY HXT  H N N 95  
ILE N    N N N 96  
ILE CA   C N S 97  
ILE C    C N N 98  
ILE O    O N N 99  
ILE CB   C N S 100 
ILE CG1  C N N 101 
ILE CG2  C N N 102 
ILE CD1  C N N 103 
ILE OXT  O N N 104 
ILE H    H N N 105 
ILE H2   H N N 106 
ILE HA   H N N 107 
ILE HB   H N N 108 
ILE HG12 H N N 109 
ILE HG13 H N N 110 
ILE HG21 H N N 111 
ILE HG22 H N N 112 
ILE HG23 H N N 113 
ILE HD11 H N N 114 
ILE HD12 H N N 115 
ILE HD13 H N N 116 
ILE HXT  H N N 117 
LEU N    N N N 118 
LEU CA   C N S 119 
LEU C    C N N 120 
LEU O    O N N 121 
LEU CB   C N N 122 
LEU CG   C N N 123 
LEU CD1  C N N 124 
LEU CD2  C N N 125 
LEU OXT  O N N 126 
LEU H    H N N 127 
LEU H2   H N N 128 
LEU HA   H N N 129 
LEU HB2  H N N 130 
LEU HB3  H N N 131 
LEU HG   H N N 132 
LEU HD11 H N N 133 
LEU HD12 H N N 134 
LEU HD13 H N N 135 
LEU HD21 H N N 136 
LEU HD22 H N N 137 
LEU HD23 H N N 138 
LEU HXT  H N N 139 
LYS N    N N N 140 
LYS CA   C N S 141 
LYS C    C N N 142 
LYS O    O N N 143 
LYS CB   C N N 144 
LYS CG   C N N 145 
LYS CD   C N N 146 
LYS CE   C N N 147 
LYS NZ   N N N 148 
LYS OXT  O N N 149 
LYS H    H N N 150 
LYS H2   H N N 151 
LYS HA   H N N 152 
LYS HB2  H N N 153 
LYS HB3  H N N 154 
LYS HG2  H N N 155 
LYS HG3  H N N 156 
LYS HD2  H N N 157 
LYS HD3  H N N 158 
LYS HE2  H N N 159 
LYS HE3  H N N 160 
LYS HZ1  H N N 161 
LYS HZ2  H N N 162 
LYS HZ3  H N N 163 
LYS HXT  H N N 164 
MET N    N N N 165 
MET CA   C N S 166 
MET C    C N N 167 
MET O    O N N 168 
MET CB   C N N 169 
MET CG   C N N 170 
MET SD   S N N 171 
MET CE   C N N 172 
MET OXT  O N N 173 
MET H    H N N 174 
MET H2   H N N 175 
MET HA   H N N 176 
MET HB2  H N N 177 
MET HB3  H N N 178 
MET HG2  H N N 179 
MET HG3  H N N 180 
MET HE1  H N N 181 
MET HE2  H N N 182 
MET HE3  H N N 183 
MET HXT  H N N 184 
PHE N    N N N 185 
PHE CA   C N S 186 
PHE C    C N N 187 
PHE O    O N N 188 
PHE CB   C N N 189 
PHE CG   C Y N 190 
PHE CD1  C Y N 191 
PHE CD2  C Y N 192 
PHE CE1  C Y N 193 
PHE CE2  C Y N 194 
PHE CZ   C Y N 195 
PHE OXT  O N N 196 
PHE H    H N N 197 
PHE H2   H N N 198 
PHE HA   H N N 199 
PHE HB2  H N N 200 
PHE HB3  H N N 201 
PHE HD1  H N N 202 
PHE HD2  H N N 203 
PHE HE1  H N N 204 
PHE HE2  H N N 205 
PHE HZ   H N N 206 
PHE HXT  H N N 207 
THR N    N N N 208 
THR CA   C N S 209 
THR C    C N N 210 
THR O    O N N 211 
THR CB   C N R 212 
THR OG1  O N N 213 
THR CG2  C N N 214 
THR OXT  O N N 215 
THR H    H N N 216 
THR H2   H N N 217 
THR HA   H N N 218 
THR HB   H N N 219 
THR HG1  H N N 220 
THR HG21 H N N 221 
THR HG22 H N N 222 
THR HG23 H N N 223 
THR HXT  H N N 224 
TRP N    N N N 225 
TRP CA   C N S 226 
TRP C    C N N 227 
TRP O    O N N 228 
TRP CB   C N N 229 
TRP CG   C Y N 230 
TRP CD1  C Y N 231 
TRP CD2  C Y N 232 
TRP NE1  N Y N 233 
TRP CE2  C Y N 234 
TRP CE3  C Y N 235 
TRP CZ2  C Y N 236 
TRP CZ3  C Y N 237 
TRP CH2  C Y N 238 
TRP OXT  O N N 239 
TRP H    H N N 240 
TRP H2   H N N 241 
TRP HA   H N N 242 
TRP HB2  H N N 243 
TRP HB3  H N N 244 
TRP HD1  H N N 245 
TRP HE1  H N N 246 
TRP HE3  H N N 247 
TRP HZ2  H N N 248 
TRP HZ3  H N N 249 
TRP HH2  H N N 250 
TRP HXT  H N N 251 
TYR N    N N N 252 
TYR CA   C N S 253 
TYR C    C N N 254 
TYR O    O N N 255 
TYR CB   C N N 256 
TYR CG   C Y N 257 
TYR CD1  C Y N 258 
TYR CD2  C Y N 259 
TYR CE1  C Y N 260 
TYR CE2  C Y N 261 
TYR CZ   C Y N 262 
TYR OH   O N N 263 
TYR OXT  O N N 264 
TYR H    H N N 265 
TYR H2   H N N 266 
TYR HA   H N N 267 
TYR HB2  H N N 268 
TYR HB3  H N N 269 
TYR HD1  H N N 270 
TYR HD2  H N N 271 
TYR HE1  H N N 272 
TYR HE2  H N N 273 
TYR HH   H N N 274 
TYR HXT  H N N 275 
VAL N    N N N 276 
VAL CA   C N S 277 
VAL C    C N N 278 
VAL O    O N N 279 
VAL CB   C N N 280 
VAL CG1  C N N 281 
VAL CG2  C N N 282 
VAL OXT  O N N 283 
VAL H    H N N 284 
VAL H2   H N N 285 
VAL HA   H N N 286 
VAL HB   H N N 287 
VAL HG11 H N N 288 
VAL HG12 H N N 289 
VAL HG13 H N N 290 
VAL HG21 H N N 291 
VAL HG22 H N N 292 
VAL HG23 H N N 293 
VAL HXT  H N N 294 
# 
loop_
_chem_comp_bond.comp_id 
_chem_comp_bond.atom_id_1 
_chem_comp_bond.atom_id_2 
_chem_comp_bond.value_order 
_chem_comp_bond.pdbx_aromatic_flag 
_chem_comp_bond.pdbx_stereo_config 
_chem_comp_bond.pdbx_ordinal 
ALA N   CA   sing N N 1   
ALA N   H    sing N N 2   
ALA N   H2   sing N N 3   
ALA CA  C    sing N N 4   
ALA CA  CB   sing N N 5   
ALA CA  HA   sing N N 6   
ALA C   O    doub N N 7   
ALA C   OXT  sing N N 8   
ALA CB  HB1  sing N N 9   
ALA CB  HB2  sing N N 10  
ALA CB  HB3  sing N N 11  
ALA OXT HXT  sing N N 12  
ASN N   CA   sing N N 13  
ASN N   H    sing N N 14  
ASN N   H2   sing N N 15  
ASN CA  C    sing N N 16  
ASN CA  CB   sing N N 17  
ASN CA  HA   sing N N 18  
ASN C   O    doub N N 19  
ASN C   OXT  sing N N 20  
ASN CB  CG   sing N N 21  
ASN CB  HB2  sing N N 22  
ASN CB  HB3  sing N N 23  
ASN CG  OD1  doub N N 24  
ASN CG  ND2  sing N N 25  
ASN ND2 HD21 sing N N 26  
ASN ND2 HD22 sing N N 27  
ASN OXT HXT  sing N N 28  
ASP N   CA   sing N N 29  
ASP N   H    sing N N 30  
ASP N   H2   sing N N 31  
ASP CA  C    sing N N 32  
ASP CA  CB   sing N N 33  
ASP CA  HA   sing N N 34  
ASP C   O    doub N N 35  
ASP C   OXT  sing N N 36  
ASP CB  CG   sing N N 37  
ASP CB  HB2  sing N N 38  
ASP CB  HB3  sing N N 39  
ASP CG  OD1  doub N N 40  
ASP CG  OD2  sing N N 41  
ASP OD2 HD2  sing N N 42  
ASP OXT HXT  sing N N 43  
GLN N   CA   sing N N 44  
GLN N   H    sing N N 45  
GLN N   H2   sing N N 46  
GLN CA  C    sing N N 47  
GLN CA  CB   sing N N 48  
GLN CA  HA   sing N N 49  
GLN C   O    doub N N 50  
GLN C   OXT  sing N N 51  
GLN CB  CG   sing N N 52  
GLN CB  HB2  sing N N 53  
GLN CB  HB3  sing N N 54  
GLN CG  CD   sing N N 55  
GLN CG  HG2  sing N N 56  
GLN CG  HG3  sing N N 57  
GLN CD  OE1  doub N N 58  
GLN CD  NE2  sing N N 59  
GLN NE2 HE21 sing N N 60  
GLN NE2 HE22 sing N N 61  
GLN OXT HXT  sing N N 62  
GLU N   CA   sing N N 63  
GLU N   H    sing N N 64  
GLU N   H2   sing N N 65  
GLU CA  C    sing N N 66  
GLU CA  CB   sing N N 67  
GLU CA  HA   sing N N 68  
GLU C   O    doub N N 69  
GLU C   OXT  sing N N 70  
GLU CB  CG   sing N N 71  
GLU CB  HB2  sing N N 72  
GLU CB  HB3  sing N N 73  
GLU CG  CD   sing N N 74  
GLU CG  HG2  sing N N 75  
GLU CG  HG3  sing N N 76  
GLU CD  OE1  doub N N 77  
GLU CD  OE2  sing N N 78  
GLU OE2 HE2  sing N N 79  
GLU OXT HXT  sing N N 80  
GLY N   CA   sing N N 81  
GLY N   H    sing N N 82  
GLY N   H2   sing N N 83  
GLY CA  C    sing N N 84  
GLY CA  HA2  sing N N 85  
GLY CA  HA3  sing N N 86  
GLY C   O    doub N N 87  
GLY C   OXT  sing N N 88  
GLY OXT HXT  sing N N 89  
ILE N   CA   sing N N 90  
ILE N   H    sing N N 91  
ILE N   H2   sing N N 92  
ILE CA  C    sing N N 93  
ILE CA  CB   sing N N 94  
ILE CA  HA   sing N N 95  
ILE C   O    doub N N 96  
ILE C   OXT  sing N N 97  
ILE CB  CG1  sing N N 98  
ILE CB  CG2  sing N N 99  
ILE CB  HB   sing N N 100 
ILE CG1 CD1  sing N N 101 
ILE CG1 HG12 sing N N 102 
ILE CG1 HG13 sing N N 103 
ILE CG2 HG21 sing N N 104 
ILE CG2 HG22 sing N N 105 
ILE CG2 HG23 sing N N 106 
ILE CD1 HD11 sing N N 107 
ILE CD1 HD12 sing N N 108 
ILE CD1 HD13 sing N N 109 
ILE OXT HXT  sing N N 110 
LEU N   CA   sing N N 111 
LEU N   H    sing N N 112 
LEU N   H2   sing N N 113 
LEU CA  C    sing N N 114 
LEU CA  CB   sing N N 115 
LEU CA  HA   sing N N 116 
LEU C   O    doub N N 117 
LEU C   OXT  sing N N 118 
LEU CB  CG   sing N N 119 
LEU CB  HB2  sing N N 120 
LEU CB  HB3  sing N N 121 
LEU CG  CD1  sing N N 122 
LEU CG  CD2  sing N N 123 
LEU CG  HG   sing N N 124 
LEU CD1 HD11 sing N N 125 
LEU CD1 HD12 sing N N 126 
LEU CD1 HD13 sing N N 127 
LEU CD2 HD21 sing N N 128 
LEU CD2 HD22 sing N N 129 
LEU CD2 HD23 sing N N 130 
LEU OXT HXT  sing N N 131 
LYS N   CA   sing N N 132 
LYS N   H    sing N N 133 
LYS N   H2   sing N N 134 
LYS CA  C    sing N N 135 
LYS CA  CB   sing N N 136 
LYS CA  HA   sing N N 137 
LYS C   O    doub N N 138 
LYS C   OXT  sing N N 139 
LYS CB  CG   sing N N 140 
LYS CB  HB2  sing N N 141 
LYS CB  HB3  sing N N 142 
LYS CG  CD   sing N N 143 
LYS CG  HG2  sing N N 144 
LYS CG  HG3  sing N N 145 
LYS CD  CE   sing N N 146 
LYS CD  HD2  sing N N 147 
LYS CD  HD3  sing N N 148 
LYS CE  NZ   sing N N 149 
LYS CE  HE2  sing N N 150 
LYS CE  HE3  sing N N 151 
LYS NZ  HZ1  sing N N 152 
LYS NZ  HZ2  sing N N 153 
LYS NZ  HZ3  sing N N 154 
LYS OXT HXT  sing N N 155 
MET N   CA   sing N N 156 
MET N   H    sing N N 157 
MET N   H2   sing N N 158 
MET CA  C    sing N N 159 
MET CA  CB   sing N N 160 
MET CA  HA   sing N N 161 
MET C   O    doub N N 162 
MET C   OXT  sing N N 163 
MET CB  CG   sing N N 164 
MET CB  HB2  sing N N 165 
MET CB  HB3  sing N N 166 
MET CG  SD   sing N N 167 
MET CG  HG2  sing N N 168 
MET CG  HG3  sing N N 169 
MET SD  CE   sing N N 170 
MET CE  HE1  sing N N 171 
MET CE  HE2  sing N N 172 
MET CE  HE3  sing N N 173 
MET OXT HXT  sing N N 174 
PHE N   CA   sing N N 175 
PHE N   H    sing N N 176 
PHE N   H2   sing N N 177 
PHE CA  C    sing N N 178 
PHE CA  CB   sing N N 179 
PHE CA  HA   sing N N 180 
PHE C   O    doub N N 181 
PHE C   OXT  sing N N 182 
PHE CB  CG   sing N N 183 
PHE CB  HB2  sing N N 184 
PHE CB  HB3  sing N N 185 
PHE CG  CD1  doub Y N 186 
PHE CG  CD2  sing Y N 187 
PHE CD1 CE1  sing Y N 188 
PHE CD1 HD1  sing N N 189 
PHE CD2 CE2  doub Y N 190 
PHE CD2 HD2  sing N N 191 
PHE CE1 CZ   doub Y N 192 
PHE CE1 HE1  sing N N 193 
PHE CE2 CZ   sing Y N 194 
PHE CE2 HE2  sing N N 195 
PHE CZ  HZ   sing N N 196 
PHE OXT HXT  sing N N 197 
THR N   CA   sing N N 198 
THR N   H    sing N N 199 
THR N   H2   sing N N 200 
THR CA  C    sing N N 201 
THR CA  CB   sing N N 202 
THR CA  HA   sing N N 203 
THR C   O    doub N N 204 
THR C   OXT  sing N N 205 
THR CB  OG1  sing N N 206 
THR CB  CG2  sing N N 207 
THR CB  HB   sing N N 208 
THR OG1 HG1  sing N N 209 
THR CG2 HG21 sing N N 210 
THR CG2 HG22 sing N N 211 
THR CG2 HG23 sing N N 212 
THR OXT HXT  sing N N 213 
TRP N   CA   sing N N 214 
TRP N   H    sing N N 215 
TRP N   H2   sing N N 216 
TRP CA  C    sing N N 217 
TRP CA  CB   sing N N 218 
TRP CA  HA   sing N N 219 
TRP C   O    doub N N 220 
TRP C   OXT  sing N N 221 
TRP CB  CG   sing N N 222 
TRP CB  HB2  sing N N 223 
TRP CB  HB3  sing N N 224 
TRP CG  CD1  doub Y N 225 
TRP CG  CD2  sing Y N 226 
TRP CD1 NE1  sing Y N 227 
TRP CD1 HD1  sing N N 228 
TRP CD2 CE2  doub Y N 229 
TRP CD2 CE3  sing Y N 230 
TRP NE1 CE2  sing Y N 231 
TRP NE1 HE1  sing N N 232 
TRP CE2 CZ2  sing Y N 233 
TRP CE3 CZ3  doub Y N 234 
TRP CE3 HE3  sing N N 235 
TRP CZ2 CH2  doub Y N 236 
TRP CZ2 HZ2  sing N N 237 
TRP CZ3 CH2  sing Y N 238 
TRP CZ3 HZ3  sing N N 239 
TRP CH2 HH2  sing N N 240 
TRP OXT HXT  sing N N 241 
TYR N   CA   sing N N 242 
TYR N   H    sing N N 243 
TYR N   H2   sing N N 244 
TYR CA  C    sing N N 245 
TYR CA  CB   sing N N 246 
TYR CA  HA   sing N N 247 
TYR C   O    doub N N 248 
TYR C   OXT  sing N N 249 
TYR CB  CG   sing N N 250 
TYR CB  HB2  sing N N 251 
TYR CB  HB3  sing N N 252 
TYR CG  CD1  doub Y N 253 
TYR CG  CD2  sing Y N 254 
TYR CD1 CE1  sing Y N 255 
TYR CD1 HD1  sing N N 256 
TYR CD2 CE2  doub Y N 257 
TYR CD2 HD2  sing N N 258 
TYR CE1 CZ   doub Y N 259 
TYR CE1 HE1  sing N N 260 
TYR CE2 CZ   sing Y N 261 
TYR CE2 HE2  sing N N 262 
TYR CZ  OH   sing N N 263 
TYR OH  HH   sing N N 264 
TYR OXT HXT  sing N N 265 
VAL N   CA   sing N N 266 
VAL N   H    sing N N 267 
VAL N   H2   sing N N 268 
VAL CA  C    sing N N 269 
VAL CA  CB   sing N N 270 
VAL CA  HA   sing N N 271 
VAL C   O    doub N N 272 
VAL C   OXT  sing N N 273 
VAL CB  CG1  sing N N 274 
VAL CB  CG2  sing N N 275 
VAL CB  HB   sing N N 276 
VAL CG1 HG11 sing N N 277 
VAL CG1 HG12 sing N N 278 
VAL CG1 HG13 sing N N 279 
VAL CG2 HG21 sing N N 280 
VAL CG2 HG22 sing N N 281 
VAL CG2 HG23 sing N N 282 
VAL OXT HXT  sing N N 283 
# 
_pdbx_nmr_spectrometer.spectrometer_id   1 
_pdbx_nmr_spectrometer.model             DMX 
_pdbx_nmr_spectrometer.manufacturer      Bruker 
_pdbx_nmr_spectrometer.field_strength    750 
# 
_atom_sites.entry_id                    2J53 
_atom_sites.fract_transf_matrix[1][1]   1.000000 
_atom_sites.fract_transf_matrix[1][2]   0.000000 
_atom_sites.fract_transf_matrix[1][3]   0.000000 
_atom_sites.fract_transf_matrix[2][1]   0.000000 
_atom_sites.fract_transf_matrix[2][2]   1.000000 
_atom_sites.fract_transf_matrix[2][3]   0.000000 
_atom_sites.fract_transf_matrix[3][1]   0.000000 
_atom_sites.fract_transf_matrix[3][2]   0.000000 
_atom_sites.fract_transf_matrix[3][3]   1.000000 
_atom_sites.fract_transf_vector[1]      0.00000 
_atom_sites.fract_transf_vector[2]      0.00000 
_atom_sites.fract_transf_vector[3]      0.00000 
# 
loop_
_atom_type.symbol 
C 
H 
N 
O 
S 
# 
loop_
_atom_site.group_PDB 
_atom_site.id 
_atom_site.type_symbol 
_atom_site.label_atom_id 
_atom_site.label_alt_id 
_atom_site.label_comp_id 
_atom_site.label_asym_id 
_atom_site.label_entity_id 
_atom_site.label_seq_id 
_atom_site.pdbx_PDB_ins_code 
_atom_site.Cartn_x 
_atom_site.Cartn_y 
_atom_site.Cartn_z 
_atom_site.occupancy 
_atom_site.B_iso_or_equiv 
_atom_site.pdbx_formal_charge 
_atom_site.auth_seq_id 
_atom_site.auth_comp_id 
_atom_site.auth_asym_id 
_atom_site.auth_atom_id 
_atom_site.pdbx_PDB_model_num 
ATOM 1   N N    . MET A 1 1  ? 13.527  3.056   -3.812  1.00 0.00 ? 1  MET A N    1 
ATOM 2   C CA   . MET A 1 1  ? 12.908  4.168   -3.033  1.00 0.00 ? 1  MET A CA   1 
ATOM 3   C C    . MET A 1 1  ? 12.086  3.601   -1.866  1.00 0.00 ? 1  MET A C    1 
ATOM 4   O O    . MET A 1 1  ? 11.186  2.807   -2.055  1.00 0.00 ? 1  MET A O    1 
ATOM 5   C CB   . MET A 1 1  ? 11.996  4.985   -3.958  1.00 0.00 ? 1  MET A CB   1 
ATOM 6   C CG   . MET A 1 1  ? 12.837  5.964   -4.784  1.00 0.00 ? 1  MET A CG   1 
ATOM 7   S SD   . MET A 1 1  ? 13.320  7.362   -3.746  1.00 0.00 ? 1  MET A SD   1 
ATOM 8   C CE   . MET A 1 1  ? 14.045  8.378   -5.057  1.00 0.00 ? 1  MET A CE   1 
ATOM 9   H H1   . MET A 1 1  ? 13.706  2.247   -3.185  1.00 0.00 ? 1  MET A H1   1 
ATOM 10  H H2   . MET A 1 1  ? 12.876  2.760   -4.569  1.00 0.00 ? 1  MET A H2   1 
ATOM 11  H H3   . MET A 1 1  ? 14.421  3.376   -4.228  1.00 0.00 ? 1  MET A H3   1 
ATOM 12  H HA   . MET A 1 1  ? 13.685  4.806   -2.641  1.00 0.00 ? 1  MET A HA   1 
ATOM 13  H HB2  . MET A 1 1  ? 11.468  4.314   -4.621  1.00 0.00 ? 1  MET A HB2  1 
ATOM 14  H HB3  . MET A 1 1  ? 11.284  5.536   -3.364  1.00 0.00 ? 1  MET A HB3  1 
ATOM 15  H HG2  . MET A 1 1  ? 13.722  5.464   -5.152  1.00 0.00 ? 1  MET A HG2  1 
ATOM 16  H HG3  . MET A 1 1  ? 12.254  6.321   -5.622  1.00 0.00 ? 1  MET A HG3  1 
ATOM 17  H HE1  . MET A 1 1  ? 14.809  7.811   -5.571  1.00 0.00 ? 1  MET A HE1  1 
ATOM 18  H HE2  . MET A 1 1  ? 13.279  8.664   -5.760  1.00 0.00 ? 1  MET A HE2  1 
ATOM 19  H HE3  . MET A 1 1  ? 14.482  9.268   -4.624  1.00 0.00 ? 1  MET A HE3  1 
ATOM 20  N N    . THR A 1 2  ? 12.390  4.008   -0.662  1.00 0.00 ? 2  THR A N    1 
ATOM 21  C CA   . THR A 1 2  ? 11.634  3.505   0.529   1.00 0.00 ? 2  THR A CA   1 
ATOM 22  C C    . THR A 1 2  ? 10.143  3.809   0.368   1.00 0.00 ? 2  THR A C    1 
ATOM 23  O O    . THR A 1 2  ? 9.757   4.920   0.051   1.00 0.00 ? 2  THR A O    1 
ATOM 24  C CB   . THR A 1 2  ? 12.161  4.202   1.787   1.00 0.00 ? 2  THR A CB   1 
ATOM 25  O OG1  . THR A 1 2  ? 13.575  4.107   1.813   1.00 0.00 ? 2  THR A OG1  1 
ATOM 26  C CG2  . THR A 1 2  ? 11.592  3.532   3.035   1.00 0.00 ? 2  THR A CG2  1 
ATOM 27  H H    . THR A 1 2  ? 13.122  4.649   -0.535  1.00 0.00 ? 2  THR A H    1 
ATOM 28  H HA   . THR A 1 2  ? 11.775  2.441   0.623   1.00 0.00 ? 2  THR A HA   1 
ATOM 29  H HB   . THR A 1 2  ? 11.868  5.242   1.775   1.00 0.00 ? 2  THR A HB   1 
ATOM 30  H HG1  . THR A 1 2  ? 13.819  3.216   1.535   1.00 0.00 ? 2  THR A HG1  1 
ATOM 31  H HG21 . THR A 1 2  ? 11.748  2.465   2.976   1.00 0.00 ? 2  THR A HG21 1 
ATOM 32  H HG22 . THR A 1 2  ? 12.094  3.920   3.911   1.00 0.00 ? 2  THR A HG22 1 
ATOM 33  H HG23 . THR A 1 2  ? 10.535  3.738   3.105   1.00 0.00 ? 2  THR A HG23 1 
ATOM 34  N N    . TYR A 1 3  ? 9.300   2.834   0.584   1.00 0.00 ? 3  TYR A N    1 
ATOM 35  C CA   . TYR A 1 3  ? 7.832   3.070   0.439   1.00 0.00 ? 3  TYR A CA   1 
ATOM 36  C C    . TYR A 1 3  ? 7.065   2.295   1.520   1.00 0.00 ? 3  TYR A C    1 
ATOM 37  O O    . TYR A 1 3  ? 7.383   1.163   1.838   1.00 0.00 ? 3  TYR A O    1 
ATOM 38  C CB   . TYR A 1 3  ? 7.389   2.602   -0.953  1.00 0.00 ? 3  TYR A CB   1 
ATOM 39  C CG   . TYR A 1 3  ? 7.543   3.735   -1.937  1.00 0.00 ? 3  TYR A CG   1 
ATOM 40  C CD1  . TYR A 1 3  ? 8.440   3.618   -3.004  1.00 0.00 ? 3  TYR A CD1  1 
ATOM 41  C CD2  . TYR A 1 3  ? 6.787   4.904   -1.785  1.00 0.00 ? 3  TYR A CD2  1 
ATOM 42  C CE1  . TYR A 1 3  ? 8.584   4.669   -3.917  1.00 0.00 ? 3  TYR A CE1  1 
ATOM 43  C CE2  . TYR A 1 3  ? 6.932   5.956   -2.699  1.00 0.00 ? 3  TYR A CE2  1 
ATOM 44  C CZ   . TYR A 1 3  ? 7.829   5.834   -3.763  1.00 0.00 ? 3  TYR A CZ   1 
ATOM 45  O OH   . TYR A 1 3  ? 7.971   6.867   -4.666  1.00 0.00 ? 3  TYR A OH   1 
ATOM 46  H H    . TYR A 1 3  ? 9.633   1.945   0.835   1.00 0.00 ? 3  TYR A H    1 
ATOM 47  H HA   . TYR A 1 3  ? 7.627   4.127   0.544   1.00 0.00 ? 3  TYR A HA   1 
ATOM 48  H HB2  . TYR A 1 3  ? 8.004   1.769   -1.265  1.00 0.00 ? 3  TYR A HB2  1 
ATOM 49  H HB3  . TYR A 1 3  ? 6.355   2.294   -0.920  1.00 0.00 ? 3  TYR A HB3  1 
ATOM 50  H HD1  . TYR A 1 3  ? 9.023   2.716   -3.121  1.00 0.00 ? 3  TYR A HD1  1 
ATOM 51  H HD2  . TYR A 1 3  ? 6.096   4.997   -0.961  1.00 0.00 ? 3  TYR A HD2  1 
ATOM 52  H HE1  . TYR A 1 3  ? 9.275   4.576   -4.740  1.00 0.00 ? 3  TYR A HE1  1 
ATOM 53  H HE2  . TYR A 1 3  ? 6.347   6.856   -2.583  1.00 0.00 ? 3  TYR A HE2  1 
ATOM 54  H HH   . TYR A 1 3  ? 7.751   6.516   -5.539  1.00 0.00 ? 3  TYR A HH   1 
ATOM 55  N N    . LYS A 1 4  ? 6.054   2.897   2.088   1.00 0.00 ? 4  LYS A N    1 
ATOM 56  C CA   . LYS A 1 4  ? 5.263   2.201   3.150   1.00 0.00 ? 4  LYS A CA   1 
ATOM 57  C C    . LYS A 1 4  ? 3.763   2.315   2.849   1.00 0.00 ? 4  LYS A C    1 
ATOM 58  O O    . LYS A 1 4  ? 3.285   3.344   2.403   1.00 0.00 ? 4  LYS A O    1 
ATOM 59  C CB   . LYS A 1 4  ? 5.567   2.847   4.507   1.00 0.00 ? 4  LYS A CB   1 
ATOM 60  C CG   . LYS A 1 4  ? 4.890   2.041   5.621   1.00 0.00 ? 4  LYS A CG   1 
ATOM 61  C CD   . LYS A 1 4  ? 4.897   2.849   6.924   1.00 0.00 ? 4  LYS A CD   1 
ATOM 62  C CE   . LYS A 1 4  ? 3.844   3.959   6.858   1.00 0.00 ? 4  LYS A CE   1 
ATOM 63  N NZ   . LYS A 1 4  ? 2.491   3.351   6.954   1.00 0.00 ? 4  LYS A NZ   1 
ATOM 64  H H    . LYS A 1 4  ? 5.817   3.807   1.817   1.00 0.00 ? 4  LYS A H    1 
ATOM 65  H HA   . LYS A 1 4  ? 5.537   1.158   3.180   1.00 0.00 ? 4  LYS A HA   1 
ATOM 66  H HB2  . LYS A 1 4  ? 6.636   2.855   4.666   1.00 0.00 ? 4  LYS A HB2  1 
ATOM 67  H HB3  . LYS A 1 4  ? 5.194   3.860   4.515   1.00 0.00 ? 4  LYS A HB3  1 
ATOM 68  H HG2  . LYS A 1 4  ? 3.871   1.813   5.341   1.00 0.00 ? 4  LYS A HG2  1 
ATOM 69  H HG3  . LYS A 1 4  ? 5.430   1.119   5.774   1.00 0.00 ? 4  LYS A HG3  1 
ATOM 70  H HD2  . LYS A 1 4  ? 4.669   2.191   7.755   1.00 0.00 ? 4  LYS A HD2  1 
ATOM 71  H HD3  . LYS A 1 4  ? 5.871   3.288   7.072   1.00 0.00 ? 4  LYS A HD3  1 
ATOM 72  H HE2  . LYS A 1 4  ? 3.993   4.643   7.682   1.00 0.00 ? 4  LYS A HE2  1 
ATOM 73  H HE3  . LYS A 1 4  ? 3.938   4.493   5.924   1.00 0.00 ? 4  LYS A HE3  1 
ATOM 74  H HZ1  . LYS A 1 4  ? 2.500   2.393   6.537   1.00 0.00 ? 4  LYS A HZ1  1 
ATOM 75  H HZ2  . LYS A 1 4  ? 2.218   3.259   7.968   1.00 0.00 ? 4  LYS A HZ2  1 
ATOM 76  H HZ3  . LYS A 1 4  ? 1.800   3.941   6.460   1.00 0.00 ? 4  LYS A HZ3  1 
ATOM 77  N N    . LEU A 1 5  ? 3.021   1.269   3.098   1.00 0.00 ? 5  LEU A N    1 
ATOM 78  C CA   . LEU A 1 5  ? 1.550   1.303   2.840   1.00 0.00 ? 5  LEU A CA   1 
ATOM 79  C C    . LEU A 1 5  ? 0.796   0.786   4.071   1.00 0.00 ? 5  LEU A C    1 
ATOM 80  O O    . LEU A 1 5  ? 1.176   -0.194  4.684   1.00 0.00 ? 5  LEU A O    1 
ATOM 81  C CB   . LEU A 1 5  ? 1.218   0.420   1.630   1.00 0.00 ? 5  LEU A CB   1 
ATOM 82  C CG   . LEU A 1 5  ? -0.237  0.656   1.199   1.00 0.00 ? 5  LEU A CG   1 
ATOM 83  C CD1  . LEU A 1 5  ? -0.375  0.430   -0.305  1.00 0.00 ? 5  LEU A CD1  1 
ATOM 84  C CD2  . LEU A 1 5  ? -1.156  -0.319  1.935   1.00 0.00 ? 5  LEU A CD2  1 
ATOM 85  H H    . LEU A 1 5  ? 3.432   0.454   3.467   1.00 0.00 ? 5  LEU A H    1 
ATOM 86  H HA   . LEU A 1 5  ? 1.245   2.318   2.637   1.00 0.00 ? 5  LEU A HA   1 
ATOM 87  H HB2  . LEU A 1 5  ? 1.882   0.666   0.814   1.00 0.00 ? 5  LEU A HB2  1 
ATOM 88  H HB3  . LEU A 1 5  ? 1.349   -0.619  1.896   1.00 0.00 ? 5  LEU A HB3  1 
ATOM 89  H HG   . LEU A 1 5  ? -0.523  1.669   1.439   1.00 0.00 ? 5  LEU A HG   1 
ATOM 90  H HD11 . LEU A 1 5  ? 0.556   0.671   -0.795  1.00 0.00 ? 5  LEU A HD11 1 
ATOM 91  H HD12 . LEU A 1 5  ? -0.622  -0.605  -0.491  1.00 0.00 ? 5  LEU A HD12 1 
ATOM 92  H HD13 . LEU A 1 5  ? -1.160  1.061   -0.692  1.00 0.00 ? 5  LEU A HD13 1 
ATOM 93  H HD21 . LEU A 1 5  ? -0.628  -0.756  2.770   1.00 0.00 ? 5  LEU A HD21 1 
ATOM 94  H HD22 . LEU A 1 5  ? -2.026  0.207   2.296   1.00 0.00 ? 5  LEU A HD22 1 
ATOM 95  H HD23 . LEU A 1 5  ? -1.466  -1.104  1.259   1.00 0.00 ? 5  LEU A HD23 1 
ATOM 96  N N    . ILE A 1 6  ? -0.275  1.440   4.427   1.00 0.00 ? 6  ILE A N    1 
ATOM 97  C CA   . ILE A 1 6  ? -1.075  1.002   5.611   1.00 0.00 ? 6  ILE A CA   1 
ATOM 98  C C    . ILE A 1 6  ? -2.225  0.100   5.138   1.00 0.00 ? 6  ILE A C    1 
ATOM 99  O O    . ILE A 1 6  ? -3.214  0.571   4.602   1.00 0.00 ? 6  ILE A O    1 
ATOM 100 C CB   . ILE A 1 6  ? -1.647  2.239   6.325   1.00 0.00 ? 6  ILE A CB   1 
ATOM 101 C CG1  . ILE A 1 6  ? -0.724  3.442   6.091   1.00 0.00 ? 6  ILE A CG1  1 
ATOM 102 C CG2  . ILE A 1 6  ? -1.745  1.964   7.827   1.00 0.00 ? 6  ILE A CG2  1 
ATOM 103 C CD1  . ILE A 1 6  ? -0.994  4.519   7.145   1.00 0.00 ? 6  ILE A CD1  1 
ATOM 104 H H    . ILE A 1 6  ? -0.556  2.223   3.911   1.00 0.00 ? 6  ILE A H    1 
ATOM 105 H HA   . ILE A 1 6  ? -0.443  0.451   6.293   1.00 0.00 ? 6  ILE A HA   1 
ATOM 106 H HB   . ILE A 1 6  ? -2.630  2.457   5.934   1.00 0.00 ? 6  ILE A HB   1 
ATOM 107 H HG12 . ILE A 1 6  ? 0.304   3.123   6.161   1.00 0.00 ? 6  ILE A HG12 1 
ATOM 108 H HG13 . ILE A 1 6  ? -0.906  3.852   5.109   1.00 0.00 ? 6  ILE A HG13 1 
ATOM 109 H HG21 . ILE A 1 6  ? -2.015  0.931   7.990   1.00 0.00 ? 6  ILE A HG21 1 
ATOM 110 H HG22 . ILE A 1 6  ? -0.790  2.164   8.291   1.00 0.00 ? 6  ILE A HG22 1 
ATOM 111 H HG23 . ILE A 1 6  ? -2.496  2.605   8.263   1.00 0.00 ? 6  ILE A HG23 1 
ATOM 112 H HD11 . ILE A 1 6  ? -2.055  4.565   7.349   1.00 0.00 ? 6  ILE A HD11 1 
ATOM 113 H HD12 . ILE A 1 6  ? -0.465  4.274   8.055   1.00 0.00 ? 6  ILE A HD12 1 
ATOM 114 H HD13 . ILE A 1 6  ? -0.657  5.477   6.779   1.00 0.00 ? 6  ILE A HD13 1 
ATOM 115 N N    . LEU A 1 7  ? -2.108  -1.189  5.322   1.00 0.00 ? 7  LEU A N    1 
ATOM 116 C CA   . LEU A 1 7  ? -3.199  -2.110  4.875   1.00 0.00 ? 7  LEU A CA   1 
ATOM 117 C C    . LEU A 1 7  ? -4.362  -2.063  5.877   1.00 0.00 ? 7  LEU A C    1 
ATOM 118 O O    . LEU A 1 7  ? -4.482  -2.898  6.756   1.00 0.00 ? 7  LEU A O    1 
ATOM 119 C CB   . LEU A 1 7  ? -2.659  -3.545  4.775   1.00 0.00 ? 7  LEU A CB   1 
ATOM 120 C CG   . LEU A 1 7  ? -2.271  -3.864  3.326   1.00 0.00 ? 7  LEU A CG   1 
ATOM 121 C CD1  . LEU A 1 7  ? -0.811  -3.480  3.090   1.00 0.00 ? 7  LEU A CD1  1 
ATOM 122 C CD2  . LEU A 1 7  ? -2.441  -5.362  3.076   1.00 0.00 ? 7  LEU A CD2  1 
ATOM 123 H H    . LEU A 1 7  ? -1.305  -1.554  5.754   1.00 0.00 ? 7  LEU A H    1 
ATOM 124 H HA   . LEU A 1 7  ? -3.558  -1.795  3.906   1.00 0.00 ? 7  LEU A HA   1 
ATOM 125 H HB2  . LEU A 1 7  ? -1.789  -3.647  5.407   1.00 0.00 ? 7  LEU A HB2  1 
ATOM 126 H HB3  . LEU A 1 7  ? -3.419  -4.239  5.103   1.00 0.00 ? 7  LEU A HB3  1 
ATOM 127 H HG   . LEU A 1 7  ? -2.904  -3.310  2.647   1.00 0.00 ? 7  LEU A HG   1 
ATOM 128 H HD11 . LEU A 1 7  ? -0.557  -2.630  3.705   1.00 0.00 ? 7  LEU A HD11 1 
ATOM 129 H HD12 . LEU A 1 7  ? -0.173  -4.313  3.349   1.00 0.00 ? 7  LEU A HD12 1 
ATOM 130 H HD13 . LEU A 1 7  ? -0.667  -3.228  2.051   1.00 0.00 ? 7  LEU A HD13 1 
ATOM 131 H HD21 . LEU A 1 7  ? -2.681  -5.860  4.003   1.00 0.00 ? 7  LEU A HD21 1 
ATOM 132 H HD22 . LEU A 1 7  ? -3.237  -5.520  2.366   1.00 0.00 ? 7  LEU A HD22 1 
ATOM 133 H HD23 . LEU A 1 7  ? -1.521  -5.768  2.679   1.00 0.00 ? 7  LEU A HD23 1 
ATOM 134 N N    . ASN A 1 8  ? -5.223  -1.093  5.749   1.00 0.00 ? 8  ASN A N    1 
ATOM 135 C CA   . ASN A 1 8  ? -6.385  -0.990  6.682   1.00 0.00 ? 8  ASN A CA   1 
ATOM 136 C C    . ASN A 1 8  ? -7.608  -1.660  6.035   1.00 0.00 ? 8  ASN A C    1 
ATOM 137 O O    . ASN A 1 8  ? -8.587  -1.016  5.712   1.00 0.00 ? 8  ASN A O    1 
ATOM 138 C CB   . ASN A 1 8  ? -6.671  0.493   6.967   1.00 0.00 ? 8  ASN A CB   1 
ATOM 139 C CG   . ASN A 1 8  ? -8.017  0.652   7.678   1.00 0.00 ? 8  ASN A CG   1 
ATOM 140 O OD1  . ASN A 1 8  ? -8.314  -0.058  8.620   1.00 0.00 ? 8  ASN A OD1  1 
ATOM 141 N ND2  . ASN A 1 8  ? -8.850  1.553   7.263   1.00 0.00 ? 8  ASN A ND2  1 
ATOM 142 H H    . ASN A 1 8  ? -5.108  -0.430  5.032   1.00 0.00 ? 8  ASN A H    1 
ATOM 143 H HA   . ASN A 1 8  ? -6.150  -1.497  7.607   1.00 0.00 ? 8  ASN A HA   1 
ATOM 144 H HB2  . ASN A 1 8  ? -5.888  0.891   7.597   1.00 0.00 ? 8  ASN A HB2  1 
ATOM 145 H HB3  . ASN A 1 8  ? -6.693  1.039   6.038   1.00 0.00 ? 8  ASN A HB3  1 
ATOM 146 H HD21 . ASN A 1 8  ? -8.615  2.123   6.499   1.00 0.00 ? 8  ASN A HD21 1 
ATOM 147 H HD22 . ASN A 1 8  ? -9.710  1.664   7.711   1.00 0.00 ? 8  ASN A HD22 1 
ATOM 148 N N    . GLY A 1 9  ? -7.561  -2.953  5.849   1.00 0.00 ? 9  GLY A N    1 
ATOM 149 C CA   . GLY A 1 9  ? -8.724  -3.667  5.233   1.00 0.00 ? 9  GLY A CA   1 
ATOM 150 C C    . GLY A 1 9  ? -9.943  -3.499  6.138   1.00 0.00 ? 9  GLY A C    1 
ATOM 151 O O    . GLY A 1 9  ? -9.850  -2.914  7.197   1.00 0.00 ? 9  GLY A O    1 
ATOM 152 H H    . GLY A 1 9  ? -6.765  -3.459  6.123   1.00 0.00 ? 9  GLY A H    1 
ATOM 153 H HA2  . GLY A 1 9  ? -8.934  -3.252  4.256   1.00 0.00 ? 9  GLY A HA2  1 
ATOM 154 H HA3  . GLY A 1 9  ? -8.492  -4.718  5.137   1.00 0.00 ? 9  GLY A HA3  1 
ATOM 155 N N    . LYS A 1 10 ? -11.081 -4.010  5.759   1.00 0.00 ? 10 LYS A N    1 
ATOM 156 C CA   . LYS A 1 10 ? -12.283 -3.868  6.638   1.00 0.00 ? 10 LYS A CA   1 
ATOM 157 C C    . LYS A 1 10 ? -11.949 -4.448  8.017   1.00 0.00 ? 10 LYS A C    1 
ATOM 158 O O    . LYS A 1 10 ? -12.009 -3.765  9.027   1.00 0.00 ? 10 LYS A O    1 
ATOM 159 C CB   . LYS A 1 10 ? -13.466 -4.627  6.016   1.00 0.00 ? 10 LYS A CB   1 
ATOM 160 C CG   . LYS A 1 10 ? -14.757 -3.807  6.167   1.00 0.00 ? 10 LYS A CG   1 
ATOM 161 C CD   . LYS A 1 10 ? -14.573 -2.411  5.542   1.00 0.00 ? 10 LYS A CD   1 
ATOM 162 C CE   . LYS A 1 10 ? -15.554 -2.211  4.381   1.00 0.00 ? 10 LYS A CE   1 
ATOM 163 N NZ   . LYS A 1 10 ? -14.966 -2.792  3.144   1.00 0.00 ? 10 LYS A NZ   1 
ATOM 164 H H    . LYS A 1 10 ? -11.142 -4.499  4.903   1.00 0.00 ? 10 LYS A H    1 
ATOM 165 H HA   . LYS A 1 10 ? -12.530 -2.823  6.742   1.00 0.00 ? 10 LYS A HA   1 
ATOM 166 H HB2  . LYS A 1 10 ? -13.268 -4.800  4.967   1.00 0.00 ? 10 LYS A HB2  1 
ATOM 167 H HB3  . LYS A 1 10 ? -13.587 -5.577  6.517   1.00 0.00 ? 10 LYS A HB3  1 
ATOM 168 H HG2  . LYS A 1 10 ? -15.566 -4.321  5.669   1.00 0.00 ? 10 LYS A HG2  1 
ATOM 169 H HG3  . LYS A 1 10 ? -14.994 -3.700  7.217   1.00 0.00 ? 10 LYS A HG3  1 
ATOM 170 H HD2  . LYS A 1 10 ? -14.750 -1.656  6.293   1.00 0.00 ? 10 LYS A HD2  1 
ATOM 171 H HD3  . LYS A 1 10 ? -13.563 -2.312  5.171   1.00 0.00 ? 10 LYS A HD3  1 
ATOM 172 H HE2  . LYS A 1 10 ? -16.491 -2.701  4.606   1.00 0.00 ? 10 LYS A HE2  1 
ATOM 173 H HE3  . LYS A 1 10 ? -15.728 -1.152  4.235   1.00 0.00 ? 10 LYS A HE3  1 
ATOM 174 H HZ1  . LYS A 1 10 ? -14.047 -3.221  3.367   1.00 0.00 ? 10 LYS A HZ1  1 
ATOM 175 H HZ2  . LYS A 1 10 ? -15.599 -3.506  2.745   1.00 0.00 ? 10 LYS A HZ2  1 
ATOM 176 H HZ3  . LYS A 1 10 ? -14.811 -2.023  2.437   1.00 0.00 ? 10 LYS A HZ3  1 
ATOM 177 N N    . THR A 1 11 ? -11.566 -5.695  8.053   1.00 0.00 ? 11 THR A N    1 
ATOM 178 C CA   . THR A 1 11 ? -11.180 -6.353  9.343   1.00 0.00 ? 11 THR A CA   1 
ATOM 179 C C    . THR A 1 11 ? -9.673  -6.618  9.317   1.00 0.00 ? 11 THR A C    1 
ATOM 180 O O    . THR A 1 11 ? -8.999  -6.562  10.327  1.00 0.00 ? 11 THR A O    1 
ATOM 181 C CB   . THR A 1 11 ? -11.918 -7.686  9.485   1.00 0.00 ? 11 THR A CB   1 
ATOM 182 O OG1  . THR A 1 11 ? -11.645 -8.490  8.349   1.00 0.00 ? 11 THR A OG1  1 
ATOM 183 C CG2  . THR A 1 11 ? -13.421 -7.442  9.573   1.00 0.00 ? 11 THR A CG2  1 
ATOM 184 H H    . THR A 1 11 ? -11.507 -6.202  7.213   1.00 0.00 ? 11 THR A H    1 
ATOM 185 H HA   . THR A 1 11 ? -11.420 -5.708  10.174  1.00 0.00 ? 11 THR A HA   1 
ATOM 186 H HB   . THR A 1 11 ? -11.584 -8.194  10.380  1.00 0.00 ? 11 THR A HB   1 
ATOM 187 H HG1  . THR A 1 11 ? -12.247 -9.240  8.358   1.00 0.00 ? 11 THR A HG1  1 
ATOM 188 H HG21 . THR A 1 11 ? -13.743 -6.871  8.717   1.00 0.00 ? 11 THR A HG21 1 
ATOM 189 H HG22 . THR A 1 11 ? -13.941 -8.389  9.589   1.00 0.00 ? 11 THR A HG22 1 
ATOM 190 H HG23 . THR A 1 11 ? -13.646 -6.894  10.477  1.00 0.00 ? 11 THR A HG23 1 
ATOM 191 N N    . LEU A 1 12 ? -9.143  -6.896  8.157   1.00 0.00 ? 12 LEU A N    1 
ATOM 192 C CA   . LEU A 1 12 ? -7.683  -7.162  8.028   1.00 0.00 ? 12 LEU A CA   1 
ATOM 193 C C    . LEU A 1 12 ? -6.907  -5.844  8.189   1.00 0.00 ? 12 LEU A C    1 
ATOM 194 O O    . LEU A 1 12 ? -6.797  -5.055  7.271   1.00 0.00 ? 12 LEU A O    1 
ATOM 195 C CB   . LEU A 1 12 ? -7.417  -7.777  6.645   1.00 0.00 ? 12 LEU A CB   1 
ATOM 196 C CG   . LEU A 1 12 ? -6.077  -8.517  6.645   1.00 0.00 ? 12 LEU A CG   1 
ATOM 197 C CD1  . LEU A 1 12 ? -6.056  -9.534  5.503   1.00 0.00 ? 12 LEU A CD1  1 
ATOM 198 C CD2  . LEU A 1 12 ? -4.941  -7.516  6.444   1.00 0.00 ? 12 LEU A CD2  1 
ATOM 199 H H    . LEU A 1 12 ? -9.712  -6.927  7.360   1.00 0.00 ? 12 LEU A H    1 
ATOM 200 H HA   . LEU A 1 12 ? -7.376  -7.851  8.799   1.00 0.00 ? 12 LEU A HA   1 
ATOM 201 H HB2  . LEU A 1 12 ? -8.208  -8.471  6.405   1.00 0.00 ? 12 LEU A HB2  1 
ATOM 202 H HB3  . LEU A 1 12 ? -7.393  -6.992  5.900   1.00 0.00 ? 12 LEU A HB3  1 
ATOM 203 H HG   . LEU A 1 12 ? -5.946  -9.032  7.587   1.00 0.00 ? 12 LEU A HG   1 
ATOM 204 H HD11 . LEU A 1 12 ? -6.324  -9.042  4.578   1.00 0.00 ? 12 LEU A HD11 1 
ATOM 205 H HD12 . LEU A 1 12 ? -5.065  -9.954  5.409   1.00 0.00 ? 12 LEU A HD12 1 
ATOM 206 H HD13 . LEU A 1 12 ? -6.763  -10.323 5.708   1.00 0.00 ? 12 LEU A HD13 1 
ATOM 207 H HD21 . LEU A 1 12 ? -5.290  -6.694  5.836   1.00 0.00 ? 12 LEU A HD21 1 
ATOM 208 H HD22 . LEU A 1 12 ? -4.618  -7.141  7.405   1.00 0.00 ? 12 LEU A HD22 1 
ATOM 209 H HD23 . LEU A 1 12 ? -4.113  -8.003  5.952   1.00 0.00 ? 12 LEU A HD23 1 
ATOM 210 N N    . LYS A 1 13 ? -6.375  -5.602  9.355   1.00 0.00 ? 13 LYS A N    1 
ATOM 211 C CA   . LYS A 1 13 ? -5.603  -4.342  9.589   1.00 0.00 ? 13 LYS A CA   1 
ATOM 212 C C    . LYS A 1 13 ? -4.113  -4.683  9.711   1.00 0.00 ? 13 LYS A C    1 
ATOM 213 O O    . LYS A 1 13 ? -3.726  -5.501  10.523  1.00 0.00 ? 13 LYS A O    1 
ATOM 214 C CB   . LYS A 1 13 ? -6.079  -3.683  10.890  1.00 0.00 ? 13 LYS A CB   1 
ATOM 215 C CG   . LYS A 1 13 ? -7.038  -2.530  10.576  1.00 0.00 ? 13 LYS A CG   1 
ATOM 216 C CD   . LYS A 1 13 ? -8.319  -3.080  9.937   1.00 0.00 ? 13 LYS A CD   1 
ATOM 217 C CE   . LYS A 1 13 ? -9.512  -2.232  10.380  1.00 0.00 ? 13 LYS A CE   1 
ATOM 218 N NZ   . LYS A 1 13 ? -10.406 -1.996  9.215   1.00 0.00 ? 13 LYS A NZ   1 
ATOM 219 H H    . LYS A 1 13 ? -6.482  -6.249  10.081  1.00 0.00 ? 13 LYS A H    1 
ATOM 220 H HA   . LYS A 1 13 ? -5.750  -3.664  8.761   1.00 0.00 ? 13 LYS A HA   1 
ATOM 221 H HB2  . LYS A 1 13 ? -6.585  -4.417  11.503  1.00 0.00 ? 13 LYS A HB2  1 
ATOM 222 H HB3  . LYS A 1 13 ? -5.226  -3.296  11.428  1.00 0.00 ? 13 LYS A HB3  1 
ATOM 223 H HG2  . LYS A 1 13 ? -7.284  -2.012  11.491  1.00 0.00 ? 13 LYS A HG2  1 
ATOM 224 H HG3  . LYS A 1 13 ? -6.562  -1.844  9.891   1.00 0.00 ? 13 LYS A HG3  1 
ATOM 225 H HD2  . LYS A 1 13 ? -8.226  -3.044  8.860   1.00 0.00 ? 13 LYS A HD2  1 
ATOM 226 H HD3  . LYS A 1 13 ? -8.470  -4.102  10.249  1.00 0.00 ? 13 LYS A HD3  1 
ATOM 227 H HE2  . LYS A 1 13 ? -10.057 -2.754  11.156  1.00 0.00 ? 13 LYS A HE2  1 
ATOM 228 H HE3  . LYS A 1 13 ? -9.158  -1.285  10.762  1.00 0.00 ? 13 LYS A HE3  1 
ATOM 229 H HZ1  . LYS A 1 13 ? -9.923  -2.305  8.336   1.00 0.00 ? 13 LYS A HZ1  1 
ATOM 230 H HZ2  . LYS A 1 13 ? -11.289 -2.544  9.327   1.00 0.00 ? 13 LYS A HZ2  1 
ATOM 231 H HZ3  . LYS A 1 13 ? -10.628 -0.985  9.142   1.00 0.00 ? 13 LYS A HZ3  1 
ATOM 232 N N    . GLY A 1 14 ? -3.272  -4.077  8.916   1.00 0.00 ? 14 GLY A N    1 
ATOM 233 C CA   . GLY A 1 14 ? -1.814  -4.395  9.010   1.00 0.00 ? 14 GLY A CA   1 
ATOM 234 C C    . GLY A 1 14 ? -0.979  -3.301  8.349   1.00 0.00 ? 14 GLY A C    1 
ATOM 235 O O    . GLY A 1 14 ? -1.304  -2.805  7.290   1.00 0.00 ? 14 GLY A O    1 
ATOM 236 H H    . GLY A 1 14 ? -3.595  -3.420  8.259   1.00 0.00 ? 14 GLY A H    1 
ATOM 237 H HA2  . GLY A 1 14 ? -1.530  -4.479  10.051  1.00 0.00 ? 14 GLY A HA2  1 
ATOM 238 H HA3  . GLY A 1 14 ? -1.620  -5.334  8.512   1.00 0.00 ? 14 GLY A HA3  1 
ATOM 239 N N    . GLU A 1 15 ? 0.110   -2.941  8.961   1.00 0.00 ? 15 GLU A N    1 
ATOM 240 C CA   . GLU A 1 15 ? 1.004   -1.903  8.366   1.00 0.00 ? 15 GLU A CA   1 
ATOM 241 C C    . GLU A 1 15 ? 2.132   -2.622  7.622   1.00 0.00 ? 15 GLU A C    1 
ATOM 242 O O    . GLU A 1 15 ? 2.561   -3.689  8.021   1.00 0.00 ? 15 GLU A O    1 
ATOM 243 C CB   . GLU A 1 15 ? 1.596   -1.027  9.479   1.00 0.00 ? 15 GLU A CB   1 
ATOM 244 C CG   . GLU A 1 15 ? 0.908   0.348   9.473   1.00 0.00 ? 15 GLU A CG   1 
ATOM 245 C CD   . GLU A 1 15 ? 1.689   1.329   8.602   1.00 0.00 ? 15 GLU A CD   1 
ATOM 246 O OE1  . GLU A 1 15 ? 1.907   2.443   9.053   1.00 0.00 ? 15 GLU A OE1  1 
ATOM 247 O OE2  . GLU A 1 15 ? 2.044   0.967   7.490   1.00 0.00 ? 15 GLU A OE2  1 
ATOM 248 H H    . GLU A 1 15 ? 0.355   -3.369  9.802   1.00 0.00 ? 15 GLU A H    1 
ATOM 249 H HA   . GLU A 1 15 ? 0.443   -1.290  7.674   1.00 0.00 ? 15 GLU A HA   1 
ATOM 250 H HB2  . GLU A 1 15 ? 1.439   -1.504  10.439  1.00 0.00 ? 15 GLU A HB2  1 
ATOM 251 H HB3  . GLU A 1 15 ? 2.656   -0.898  9.310   1.00 0.00 ? 15 GLU A HB3  1 
ATOM 252 H HG2  . GLU A 1 15 ? -0.093  0.248   9.082   1.00 0.00 ? 15 GLU A HG2  1 
ATOM 253 H HG3  . GLU A 1 15 ? 0.863   0.730   10.481  1.00 0.00 ? 15 GLU A HG3  1 
ATOM 254 N N    . THR A 1 16 ? 2.616   -2.071  6.544   1.00 0.00 ? 16 THR A N    1 
ATOM 255 C CA   . THR A 1 16 ? 3.711   -2.771  5.801   1.00 0.00 ? 16 THR A CA   1 
ATOM 256 C C    . THR A 1 16 ? 4.643   -1.771  5.124   1.00 0.00 ? 16 THR A C    1 
ATOM 257 O O    . THR A 1 16 ? 4.240   -0.713  4.675   1.00 0.00 ? 16 THR A O    1 
ATOM 258 C CB   . THR A 1 16 ? 3.112   -3.695  4.737   1.00 0.00 ? 16 THR A CB   1 
ATOM 259 O OG1  . THR A 1 16 ? 2.089   -3.008  4.034   1.00 0.00 ? 16 THR A OG1  1 
ATOM 260 C CG2  . THR A 1 16 ? 2.521   -4.937  5.398   1.00 0.00 ? 16 THR A CG2  1 
ATOM 261 H H    . THR A 1 16 ? 2.261   -1.213  6.222   1.00 0.00 ? 16 THR A H    1 
ATOM 262 H HA   . THR A 1 16 ? 4.286   -3.365  6.496   1.00 0.00 ? 16 THR A HA   1 
ATOM 263 H HB   . THR A 1 16 ? 3.885   -3.998  4.045   1.00 0.00 ? 16 THR A HB   1 
ATOM 264 H HG1  . THR A 1 16 ? 1.982   -2.135  4.428   1.00 0.00 ? 16 THR A HG1  1 
ATOM 265 H HG21 . THR A 1 16 ? 3.175   -5.269  6.189   1.00 0.00 ? 16 THR A HG21 1 
ATOM 266 H HG22 . THR A 1 16 ? 1.551   -4.699  5.808   1.00 0.00 ? 16 THR A HG22 1 
ATOM 267 H HG23 . THR A 1 16 ? 2.419   -5.722  4.662   1.00 0.00 ? 16 THR A HG23 1 
ATOM 268 N N    . THR A 1 17 ? 5.892   -2.124  5.037   1.00 0.00 ? 17 THR A N    1 
ATOM 269 C CA   . THR A 1 17 ? 6.898   -1.238  4.382   1.00 0.00 ? 17 THR A CA   1 
ATOM 270 C C    . THR A 1 17 ? 7.572   -2.020  3.253   1.00 0.00 ? 17 THR A C    1 
ATOM 271 O O    . THR A 1 17 ? 7.559   -3.237  3.240   1.00 0.00 ? 17 THR A O    1 
ATOM 272 C CB   . THR A 1 17 ? 7.963   -0.813  5.402   1.00 0.00 ? 17 THR A CB   1 
ATOM 273 O OG1  . THR A 1 17 ? 8.859   -1.888  5.614   1.00 0.00 ? 17 THR A OG1  1 
ATOM 274 C CG2  . THR A 1 17 ? 7.318   -0.442  6.738   1.00 0.00 ? 17 THR A CG2  1 
ATOM 275 H H    . THR A 1 17 ? 6.176   -2.989  5.397   1.00 0.00 ? 17 THR A H    1 
ATOM 276 H HA   . THR A 1 17 ? 6.410   -0.367  3.978   1.00 0.00 ? 17 THR A HA   1 
ATOM 277 H HB   . THR A 1 17 ? 8.506   0.038   5.018   1.00 0.00 ? 17 THR A HB   1 
ATOM 278 H HG1  . THR A 1 17 ? 9.418   -1.665  6.360   1.00 0.00 ? 17 THR A HG1  1 
ATOM 279 H HG21 . THR A 1 17 ? 6.245   -0.414  6.630   1.00 0.00 ? 17 THR A HG21 1 
ATOM 280 H HG22 . THR A 1 17 ? 7.585   -1.178  7.482   1.00 0.00 ? 17 THR A HG22 1 
ATOM 281 H HG23 . THR A 1 17 ? 7.673   0.529   7.052   1.00 0.00 ? 17 THR A HG23 1 
ATOM 282 N N    . THR A 1 18 ? 8.159   -1.343  2.308   1.00 0.00 ? 18 THR A N    1 
ATOM 283 C CA   . THR A 1 18 ? 8.838   -2.070  1.189   1.00 0.00 ? 18 THR A CA   1 
ATOM 284 C C    . THR A 1 18 ? 9.727   -1.112  0.400   1.00 0.00 ? 18 THR A C    1 
ATOM 285 O O    . THR A 1 18 ? 9.891   0.044   0.753   1.00 0.00 ? 18 THR A O    1 
ATOM 286 C CB   . THR A 1 18 ? 7.796   -2.681  0.244   1.00 0.00 ? 18 THR A CB   1 
ATOM 287 O OG1  . THR A 1 18 ? 8.440   -3.605  -0.617  1.00 0.00 ? 18 THR A OG1  1 
ATOM 288 C CG2  . THR A 1 18 ? 7.145   -1.591  -0.606  1.00 0.00 ? 18 THR A CG2  1 
ATOM 289 H H    . THR A 1 18 ? 8.163   -0.360  2.331   1.00 0.00 ? 18 THR A H    1 
ATOM 290 H HA   . THR A 1 18 ? 9.448   -2.863  1.598   1.00 0.00 ? 18 THR A HA   1 
ATOM 291 H HB   . THR A 1 18 ? 7.036   -3.189  0.821   1.00 0.00 ? 18 THR A HB   1 
ATOM 292 H HG1  . THR A 1 18 ? 7.918   -3.675  -1.422  1.00 0.00 ? 18 THR A HG1  1 
ATOM 293 H HG21 . THR A 1 18 ? 7.032   -0.692  -0.018  1.00 0.00 ? 18 THR A HG21 1 
ATOM 294 H HG22 . THR A 1 18 ? 7.766   -1.382  -1.467  1.00 0.00 ? 18 THR A HG22 1 
ATOM 295 H HG23 . THR A 1 18 ? 6.175   -1.926  -0.939  1.00 0.00 ? 18 THR A HG23 1 
ATOM 296 N N    . GLU A 1 19 ? 10.294  -1.589  -0.668  1.00 0.00 ? 19 GLU A N    1 
ATOM 297 C CA   . GLU A 1 19 ? 11.177  -0.734  -1.513  1.00 0.00 ? 19 GLU A CA   1 
ATOM 298 C C    . GLU A 1 19 ? 10.692  -0.785  -2.965  1.00 0.00 ? 19 GLU A C    1 
ATOM 299 O O    . GLU A 1 19 ? 9.757   -1.494  -3.295  1.00 0.00 ? 19 GLU A O    1 
ATOM 300 C CB   . GLU A 1 19 ? 12.616  -1.259  -1.431  1.00 0.00 ? 19 GLU A CB   1 
ATOM 301 C CG   . GLU A 1 19 ? 13.529  -0.178  -0.827  1.00 0.00 ? 19 GLU A CG   1 
ATOM 302 C CD   . GLU A 1 19 ? 13.817  0.922   -1.854  1.00 0.00 ? 19 GLU A CD   1 
ATOM 303 O OE1  . GLU A 1 19 ? 13.582  0.707   -3.028  1.00 0.00 ? 19 GLU A OE1  1 
ATOM 304 O OE2  . GLU A 1 19 ? 14.260  1.980   -1.452  1.00 0.00 ? 19 GLU A OE2  1 
ATOM 305 H H    . GLU A 1 19 ? 10.132  -2.521  -0.922  1.00 0.00 ? 19 GLU A H    1 
ATOM 306 H HA   . GLU A 1 19 ? 11.143  0.286   -1.160  1.00 0.00 ? 19 GLU A HA   1 
ATOM 307 H HB2  . GLU A 1 19 ? 12.640  -2.143  -0.805  1.00 0.00 ? 19 GLU A HB2  1 
ATOM 308 H HB3  . GLU A 1 19 ? 12.967  -1.513  -2.422  1.00 0.00 ? 19 GLU A HB3  1 
ATOM 309 H HG2  . GLU A 1 19 ? 13.046  0.260   0.034   1.00 0.00 ? 19 GLU A HG2  1 
ATOM 310 H HG3  . GLU A 1 19 ? 14.460  -0.629  -0.522  1.00 0.00 ? 19 GLU A HG3  1 
ATOM 311 N N    . ALA A 1 20 ? 11.326  -0.045  -3.828  1.00 0.00 ? 20 ALA A N    1 
ATOM 312 C CA   . ALA A 1 20 ? 10.924  -0.029  -5.268  1.00 0.00 ? 20 ALA A CA   1 
ATOM 313 C C    . ALA A 1 20 ? 11.637  1.126   -5.983  1.00 0.00 ? 20 ALA A C    1 
ATOM 314 O O    . ALA A 1 20 ? 12.040  2.095   -5.369  1.00 0.00 ? 20 ALA A O    1 
ATOM 315 C CB   . ALA A 1 20 ? 9.406   0.174   -5.376  1.00 0.00 ? 20 ALA A CB   1 
ATOM 316 H H    . ALA A 1 20 ? 12.084  0.506   -3.525  1.00 0.00 ? 20 ALA A H    1 
ATOM 317 H HA   . ALA A 1 20 ? 11.196  -0.966  -5.730  1.00 0.00 ? 20 ALA A HA   1 
ATOM 318 H HB1  . ALA A 1 20 ? 9.009   0.447   -4.411  1.00 0.00 ? 20 ALA A HB1  1 
ATOM 319 H HB2  . ALA A 1 20 ? 8.942   -0.745  -5.708  1.00 0.00 ? 20 ALA A HB2  1 
ATOM 320 H HB3  . ALA A 1 20 ? 9.196   0.961   -6.085  1.00 0.00 ? 20 ALA A HB3  1 
ATOM 321 N N    . VAL A 1 21 ? 11.790  1.042   -7.272  1.00 0.00 ? 21 VAL A N    1 
ATOM 322 C CA   . VAL A 1 21 ? 12.469  2.150   -8.013  1.00 0.00 ? 21 VAL A CA   1 
ATOM 323 C C    . VAL A 1 21 ? 11.623  3.431   -7.912  1.00 0.00 ? 21 VAL A C    1 
ATOM 324 O O    . VAL A 1 21 ? 12.070  4.439   -7.399  1.00 0.00 ? 21 VAL A O    1 
ATOM 325 C CB   . VAL A 1 21 ? 12.661  1.758   -9.486  1.00 0.00 ? 21 VAL A CB   1 
ATOM 326 C CG1  . VAL A 1 21 ? 13.774  0.715   -9.598  1.00 0.00 ? 21 VAL A CG1  1 
ATOM 327 C CG2  . VAL A 1 21 ? 11.367  1.169   -10.053 1.00 0.00 ? 21 VAL A CG2  1 
ATOM 328 H H    . VAL A 1 21 ? 11.456  0.261   -7.756  1.00 0.00 ? 21 VAL A H    1 
ATOM 329 H HA   . VAL A 1 21 ? 13.435  2.335   -7.566  1.00 0.00 ? 21 VAL A HA   1 
ATOM 330 H HB   . VAL A 1 21 ? 12.936  2.637   -10.055 1.00 0.00 ? 21 VAL A HB   1 
ATOM 331 H HG11 . VAL A 1 21 ? 13.587  -0.089  -8.902  1.00 0.00 ? 21 VAL A HG11 1 
ATOM 332 H HG12 . VAL A 1 21 ? 13.798  0.322   -10.604 1.00 0.00 ? 21 VAL A HG12 1 
ATOM 333 H HG13 . VAL A 1 21 ? 14.724  1.176   -9.369  1.00 0.00 ? 21 VAL A HG13 1 
ATOM 334 H HG21 . VAL A 1 21 ? 10.728  0.844   -9.249  1.00 0.00 ? 21 VAL A HG21 1 
ATOM 335 H HG22 . VAL A 1 21 ? 10.855  1.920   -10.639 1.00 0.00 ? 21 VAL A HG22 1 
ATOM 336 H HG23 . VAL A 1 21 ? 11.604  0.325   -10.686 1.00 0.00 ? 21 VAL A HG23 1 
ATOM 337 N N    . ASP A 1 22 ? 10.409  3.395   -8.397  1.00 0.00 ? 22 ASP A N    1 
ATOM 338 C CA   . ASP A 1 22 ? 9.526   4.602   -8.340  1.00 0.00 ? 22 ASP A CA   1 
ATOM 339 C C    . ASP A 1 22 ? 8.328   4.338   -7.410  1.00 0.00 ? 22 ASP A C    1 
ATOM 340 O O    . ASP A 1 22 ? 8.305   3.384   -6.651  1.00 0.00 ? 22 ASP A O    1 
ATOM 341 C CB   . ASP A 1 22 ? 9.016   4.898   -9.755  1.00 0.00 ? 22 ASP A CB   1 
ATOM 342 C CG   . ASP A 1 22 ? 8.325   3.659   -10.319 1.00 0.00 ? 22 ASP A CG   1 
ATOM 343 O OD1  . ASP A 1 22 ? 7.419   3.164   -9.674  1.00 0.00 ? 22 ASP A OD1  1 
ATOM 344 O OD2  . ASP A 1 22 ? 8.712   3.221   -11.380 1.00 0.00 ? 22 ASP A OD2  1 
ATOM 345 H H    . ASP A 1 22 ? 10.074  2.572   -8.807  1.00 0.00 ? 22 ASP A H    1 
ATOM 346 H HA   . ASP A 1 22 ? 10.089  5.448   -7.975  1.00 0.00 ? 22 ASP A HA   1 
ATOM 347 H HB2  . ASP A 1 22 ? 8.315   5.714   -9.724  1.00 0.00 ? 22 ASP A HB2  1 
ATOM 348 H HB3  . ASP A 1 22 ? 9.849   5.160   -10.391 1.00 0.00 ? 22 ASP A HB3  1 
ATOM 349 N N    . ALA A 1 23 ? 7.322   5.173   -7.478  1.00 0.00 ? 23 ALA A N    1 
ATOM 350 C CA   . ALA A 1 23 ? 6.112   4.977   -6.624  1.00 0.00 ? 23 ALA A CA   1 
ATOM 351 C C    . ALA A 1 23 ? 5.123   4.058   -7.360  1.00 0.00 ? 23 ALA A C    1 
ATOM 352 O O    . ALA A 1 23 ? 4.369   3.319   -6.753  1.00 0.00 ? 23 ALA A O    1 
ATOM 353 C CB   . ALA A 1 23 ? 5.458   6.339   -6.353  1.00 0.00 ? 23 ALA A CB   1 
ATOM 354 H H    . ALA A 1 23 ? 7.360   5.921   -8.107  1.00 0.00 ? 23 ALA A H    1 
ATOM 355 H HA   . ALA A 1 23 ? 6.396   4.517   -5.688  1.00 0.00 ? 23 ALA A HA   1 
ATOM 356 H HB1  . ALA A 1 23 ? 6.111   7.128   -6.695  1.00 0.00 ? 23 ALA A HB1  1 
ATOM 357 H HB2  . ALA A 1 23 ? 5.283   6.449   -5.292  1.00 0.00 ? 23 ALA A HB2  1 
ATOM 358 H HB3  . ALA A 1 23 ? 4.516   6.399   -6.880  1.00 0.00 ? 23 ALA A HB3  1 
ATOM 359 N N    . ALA A 1 24 ? 5.132   4.095   -8.667  1.00 0.00 ? 24 ALA A N    1 
ATOM 360 C CA   . ALA A 1 24 ? 4.210   3.228   -9.458  1.00 0.00 ? 24 ALA A CA   1 
ATOM 361 C C    . ALA A 1 24 ? 4.536   1.757   -9.173  1.00 0.00 ? 24 ALA A C    1 
ATOM 362 O O    . ALA A 1 24 ? 3.650   0.943   -8.963  1.00 0.00 ? 24 ALA A O    1 
ATOM 363 C CB   . ALA A 1 24 ? 4.392   3.525   -10.953 1.00 0.00 ? 24 ALA A CB   1 
ATOM 364 H H    . ALA A 1 24 ? 5.760   4.688   -9.130  1.00 0.00 ? 24 ALA A H    1 
ATOM 365 H HA   . ALA A 1 24 ? 3.188   3.431   -9.171  1.00 0.00 ? 24 ALA A HA   1 
ATOM 366 H HB1  . ALA A 1 24 ? 5.447   3.577   -11.185 1.00 0.00 ? 24 ALA A HB1  1 
ATOM 367 H HB2  . ALA A 1 24 ? 3.925   4.470   -11.191 1.00 0.00 ? 24 ALA A HB2  1 
ATOM 368 H HB3  . ALA A 1 24 ? 3.935   2.741   -11.537 1.00 0.00 ? 24 ALA A HB3  1 
ATOM 369 N N    . THR A 1 25 ? 5.794   1.417   -9.154  1.00 0.00 ? 25 THR A N    1 
ATOM 370 C CA   . THR A 1 25 ? 6.195   0.006   -8.867  1.00 0.00 ? 25 THR A CA   1 
ATOM 371 C C    . THR A 1 25 ? 5.791   -0.333  -7.432  1.00 0.00 ? 25 THR A C    1 
ATOM 372 O O    . THR A 1 25 ? 5.159   -1.342  -7.175  1.00 0.00 ? 25 THR A O    1 
ATOM 373 C CB   . THR A 1 25 ? 7.712   -0.143  -9.023  1.00 0.00 ? 25 THR A CB   1 
ATOM 374 O OG1  . THR A 1 25 ? 8.091   0.250   -10.331 1.00 0.00 ? 25 THR A OG1  1 
ATOM 375 C CG2  . THR A 1 25 ? 8.117   -1.602  -8.806  1.00 0.00 ? 25 THR A CG2  1 
ATOM 376 H H    . THR A 1 25 ? 6.488   2.103   -9.323  1.00 0.00 ? 25 THR A H    1 
ATOM 377 H HA   . THR A 1 25 ? 5.694   -0.662  -9.551  1.00 0.00 ? 25 THR A HA   1 
ATOM 378 H HB   . THR A 1 25 ? 8.216   0.479   -8.298  1.00 0.00 ? 25 THR A HB   1 
ATOM 379 H HG1  . THR A 1 25 ? 7.955   1.206   -10.415 1.00 0.00 ? 25 THR A HG1  1 
ATOM 380 H HG21 . THR A 1 25 ? 7.608   -1.994  -7.939  1.00 0.00 ? 25 THR A HG21 1 
ATOM 381 H HG22 . THR A 1 25 ? 7.846   -2.181  -9.676  1.00 0.00 ? 25 THR A HG22 1 
ATOM 382 H HG23 . THR A 1 25 ? 9.185   -1.661  -8.654  1.00 0.00 ? 25 THR A HG23 1 
ATOM 383 N N    . ALA A 1 26 ? 6.132   0.519   -6.497  1.00 0.00 ? 26 ALA A N    1 
ATOM 384 C CA   . ALA A 1 26 ? 5.754   0.270   -5.074  1.00 0.00 ? 26 ALA A CA   1 
ATOM 385 C C    . ALA A 1 26 ? 4.241   0.037   -4.997  1.00 0.00 ? 26 ALA A C    1 
ATOM 386 O O    . ALA A 1 26 ? 3.780   -0.960  -4.472  1.00 0.00 ? 26 ALA A O    1 
ATOM 387 C CB   . ALA A 1 26 ? 6.136   1.493   -4.230  1.00 0.00 ? 26 ALA A CB   1 
ATOM 388 H H    . ALA A 1 26 ? 6.627   1.330   -6.736  1.00 0.00 ? 26 ALA A H    1 
ATOM 389 H HA   . ALA A 1 26 ? 6.272   -0.603  -4.704  1.00 0.00 ? 26 ALA A HA   1 
ATOM 390 H HB1  . ALA A 1 26 ? 6.190   2.367   -4.865  1.00 0.00 ? 26 ALA A HB1  1 
ATOM 391 H HB2  . ALA A 1 26 ? 7.099   1.327   -3.769  1.00 0.00 ? 26 ALA A HB2  1 
ATOM 392 H HB3  . ALA A 1 26 ? 5.392   1.652   -3.462  1.00 0.00 ? 26 ALA A HB3  1 
ATOM 393 N N    . GLU A 1 27 ? 3.468   0.943   -5.536  1.00 0.00 ? 27 GLU A N    1 
ATOM 394 C CA   . GLU A 1 27 ? 1.986   0.775   -5.517  1.00 0.00 ? 27 GLU A CA   1 
ATOM 395 C C    . GLU A 1 27 ? 1.628   -0.583  -6.133  1.00 0.00 ? 27 GLU A C    1 
ATOM 396 O O    . GLU A 1 27 ? 0.834   -1.333  -5.593  1.00 0.00 ? 27 GLU A O    1 
ATOM 397 C CB   . GLU A 1 27 ? 1.346   1.904   -6.331  1.00 0.00 ? 27 GLU A CB   1 
ATOM 398 C CG   . GLU A 1 27 ? -0.184  1.762   -6.306  1.00 0.00 ? 27 GLU A CG   1 
ATOM 399 C CD   . GLU A 1 27 ? -0.679  1.250   -7.653  1.00 0.00 ? 27 GLU A CD   1 
ATOM 400 O OE1  . GLU A 1 27 ? -0.426  1.909   -8.643  1.00 0.00 ? 27 GLU A OE1  1 
ATOM 401 O OE2  . GLU A 1 27 ? -1.303  0.206   -7.674  1.00 0.00 ? 27 GLU A OE2  1 
ATOM 402 H H    . GLU A 1 27 ? 3.867   1.733   -5.963  1.00 0.00 ? 27 GLU A H    1 
ATOM 403 H HA   . GLU A 1 27 ? 1.628   0.814   -4.499  1.00 0.00 ? 27 GLU A HA   1 
ATOM 404 H HB2  . GLU A 1 27 ? 1.627   2.856   -5.903  1.00 0.00 ? 27 GLU A HB2  1 
ATOM 405 H HB3  . GLU A 1 27 ? 1.696   1.856   -7.351  1.00 0.00 ? 27 GLU A HB3  1 
ATOM 406 H HG2  . GLU A 1 27 ? -0.470  1.067   -5.531  1.00 0.00 ? 27 GLU A HG2  1 
ATOM 407 H HG3  . GLU A 1 27 ? -0.631  2.726   -6.107  1.00 0.00 ? 27 GLU A HG3  1 
ATOM 408 N N    . LYS A 1 28 ? 2.232   -0.915  -7.246  1.00 0.00 ? 28 LYS A N    1 
ATOM 409 C CA   . LYS A 1 28 ? 1.956   -2.235  -7.889  1.00 0.00 ? 28 LYS A CA   1 
ATOM 410 C C    . LYS A 1 28 ? 2.347   -3.346  -6.910  1.00 0.00 ? 28 LYS A C    1 
ATOM 411 O O    . LYS A 1 28 ? 1.556   -4.217  -6.588  1.00 0.00 ? 28 LYS A O    1 
ATOM 412 C CB   . LYS A 1 28 ? 2.795   -2.367  -9.169  1.00 0.00 ? 28 LYS A CB   1 
ATOM 413 C CG   . LYS A 1 28 ? 1.889   -2.315  -10.406 1.00 0.00 ? 28 LYS A CG   1 
ATOM 414 C CD   . LYS A 1 28 ? 1.941   -0.912  -11.023 1.00 0.00 ? 28 LYS A CD   1 
ATOM 415 C CE   . LYS A 1 28 ? 0.850   -0.037  -10.405 1.00 0.00 ? 28 LYS A CE   1 
ATOM 416 N NZ   . LYS A 1 28 ? 1.464   1.215   -9.891  1.00 0.00 ? 28 LYS A NZ   1 
ATOM 417 H H    . LYS A 1 28 ? 2.884   -0.301  -7.645  1.00 0.00 ? 28 LYS A H    1 
ATOM 418 H HA   . LYS A 1 28 ? 0.905   -2.314  -8.126  1.00 0.00 ? 28 LYS A HA   1 
ATOM 419 H HB2  . LYS A 1 28 ? 3.514   -1.562  -9.210  1.00 0.00 ? 28 LYS A HB2  1 
ATOM 420 H HB3  . LYS A 1 28 ? 3.320   -3.313  -9.155  1.00 0.00 ? 28 LYS A HB3  1 
ATOM 421 H HG2  . LYS A 1 28 ? 2.232   -3.041  -11.131 1.00 0.00 ? 28 LYS A HG2  1 
ATOM 422 H HG3  . LYS A 1 28 ? 0.872   -2.547  -10.123 1.00 0.00 ? 28 LYS A HG3  1 
ATOM 423 H HD2  . LYS A 1 28 ? 2.909   -0.470  -10.835 1.00 0.00 ? 28 LYS A HD2  1 
ATOM 424 H HD3  . LYS A 1 28 ? 1.781   -0.983  -12.089 1.00 0.00 ? 28 LYS A HD3  1 
ATOM 425 H HE2  . LYS A 1 28 ? 0.110   0.204   -11.156 1.00 0.00 ? 28 LYS A HE2  1 
ATOM 426 H HE3  . LYS A 1 28 ? 0.375   -0.568  -9.592  1.00 0.00 ? 28 LYS A HE3  1 
ATOM 427 H HZ1  . LYS A 1 28 ? 2.352   0.993   -9.386  1.00 0.00 ? 28 LYS A HZ1  1 
ATOM 428 H HZ2  . LYS A 1 28 ? 1.661   1.859   -10.678 1.00 0.00 ? 28 LYS A HZ2  1 
ATOM 429 H HZ3  . LYS A 1 28 ? 0.790   1.675   -9.222  1.00 0.00 ? 28 LYS A HZ3  1 
ATOM 430 N N    . VAL A 1 29 ? 3.559   -3.307  -6.423  1.00 0.00 ? 29 VAL A N    1 
ATOM 431 C CA   . VAL A 1 29 ? 4.014   -4.345  -5.450  1.00 0.00 ? 29 VAL A CA   1 
ATOM 432 C C    . VAL A 1 29 ? 3.060   -4.350  -4.255  1.00 0.00 ? 29 VAL A C    1 
ATOM 433 O O    . VAL A 1 29 ? 2.603   -5.390  -3.813  1.00 0.00 ? 29 VAL A O    1 
ATOM 434 C CB   . VAL A 1 29 ? 5.437   -4.017  -4.981  1.00 0.00 ? 29 VAL A CB   1 
ATOM 435 C CG1  . VAL A 1 29 ? 5.884   -5.039  -3.936  1.00 0.00 ? 29 VAL A CG1  1 
ATOM 436 C CG2  . VAL A 1 29 ? 6.395   -4.073  -6.172  1.00 0.00 ? 29 VAL A CG2  1 
ATOM 437 H H    . VAL A 1 29 ? 4.170   -2.585  -6.692  1.00 0.00 ? 29 VAL A H    1 
ATOM 438 H HA   . VAL A 1 29 ? 4.002   -5.316  -5.923  1.00 0.00 ? 29 VAL A HA   1 
ATOM 439 H HB   . VAL A 1 29 ? 5.454   -3.025  -4.548  1.00 0.00 ? 29 VAL A HB   1 
ATOM 440 H HG11 . VAL A 1 29 ? 5.680   -6.037  -4.297  1.00 0.00 ? 29 VAL A HG11 1 
ATOM 441 H HG12 . VAL A 1 29 ? 6.945   -4.931  -3.759  1.00 0.00 ? 29 VAL A HG12 1 
ATOM 442 H HG13 . VAL A 1 29 ? 5.348   -4.873  -3.014  1.00 0.00 ? 29 VAL A HG13 1 
ATOM 443 H HG21 . VAL A 1 29 ? 5.860   -3.833  -7.080  1.00 0.00 ? 29 VAL A HG21 1 
ATOM 444 H HG22 . VAL A 1 29 ? 7.192   -3.362  -6.026  1.00 0.00 ? 29 VAL A HG22 1 
ATOM 445 H HG23 . VAL A 1 29 ? 6.811   -5.068  -6.252  1.00 0.00 ? 29 VAL A HG23 1 
ATOM 446 N N    . PHE A 1 30 ? 2.742   -3.195  -3.739  1.00 0.00 ? 30 PHE A N    1 
ATOM 447 C CA   . PHE A 1 30 ? 1.801   -3.131  -2.585  1.00 0.00 ? 30 PHE A CA   1 
ATOM 448 C C    . PHE A 1 30 ? 0.425   -3.629  -3.038  1.00 0.00 ? 30 PHE A C    1 
ATOM 449 O O    . PHE A 1 30 ? -0.199  -4.443  -2.381  1.00 0.00 ? 30 PHE A O    1 
ATOM 450 C CB   . PHE A 1 30 ? 1.688   -1.684  -2.092  1.00 0.00 ? 30 PHE A CB   1 
ATOM 451 C CG   . PHE A 1 30 ? 2.612   -1.465  -0.919  1.00 0.00 ? 30 PHE A CG   1 
ATOM 452 C CD1  . PHE A 1 30 ? 2.565   -2.322  0.187   1.00 0.00 ? 30 PHE A CD1  1 
ATOM 453 C CD2  . PHE A 1 30 ? 3.517   -0.397  -0.936  1.00 0.00 ? 30 PHE A CD2  1 
ATOM 454 C CE1  . PHE A 1 30 ? 3.418   -2.110  1.274   1.00 0.00 ? 30 PHE A CE1  1 
ATOM 455 C CE2  . PHE A 1 30 ? 4.373   -0.186  0.153   1.00 0.00 ? 30 PHE A CE2  1 
ATOM 456 C CZ   . PHE A 1 30 ? 4.323   -1.043  1.257   1.00 0.00 ? 30 PHE A CZ   1 
ATOM 457 H H    . PHE A 1 30 ? 3.114   -2.367  -4.120  1.00 0.00 ? 30 PHE A H    1 
ATOM 458 H HA   . PHE A 1 30 ? 2.166   -3.761  -1.788  1.00 0.00 ? 30 PHE A HA   1 
ATOM 459 H HB2  . PHE A 1 30 ? 1.954   -1.011  -2.893  1.00 0.00 ? 30 PHE A HB2  1 
ATOM 460 H HB3  . PHE A 1 30 ? 0.671   -1.489  -1.786  1.00 0.00 ? 30 PHE A HB3  1 
ATOM 461 H HD1  . PHE A 1 30 ? 1.866   -3.145  0.201   1.00 0.00 ? 30 PHE A HD1  1 
ATOM 462 H HD2  . PHE A 1 30 ? 3.556   0.265   -1.789  1.00 0.00 ? 30 PHE A HD2  1 
ATOM 463 H HE1  . PHE A 1 30 ? 3.378   -2.773  2.128   1.00 0.00 ? 30 PHE A HE1  1 
ATOM 464 H HE2  . PHE A 1 30 ? 5.071   0.639   0.139   1.00 0.00 ? 30 PHE A HE2  1 
ATOM 465 H HZ   . PHE A 1 30 ? 4.981   -0.881  2.098   1.00 0.00 ? 30 PHE A HZ   1 
ATOM 466 N N    . LYS A 1 31 ? -0.051  -3.152  -4.159  1.00 0.00 ? 31 LYS A N    1 
ATOM 467 C CA   . LYS A 1 31 ? -1.385  -3.600  -4.662  1.00 0.00 ? 31 LYS A CA   1 
ATOM 468 C C    . LYS A 1 31 ? -1.410  -5.124  -4.766  1.00 0.00 ? 31 LYS A C    1 
ATOM 469 O O    . LYS A 1 31 ? -2.316  -5.770  -4.276  1.00 0.00 ? 31 LYS A O    1 
ATOM 470 C CB   . LYS A 1 31 ? -1.653  -2.983  -6.040  1.00 0.00 ? 31 LYS A CB   1 
ATOM 471 C CG   . LYS A 1 31 ? -3.132  -3.171  -6.406  1.00 0.00 ? 31 LYS A CG   1 
ATOM 472 C CD   . LYS A 1 31 ? -3.518  -2.189  -7.518  1.00 0.00 ? 31 LYS A CD   1 
ATOM 473 C CE   . LYS A 1 31 ? -4.200  -0.961  -6.910  1.00 0.00 ? 31 LYS A CE   1 
ATOM 474 N NZ   . LYS A 1 31 ? -3.177  -0.137  -6.210  1.00 0.00 ? 31 LYS A NZ   1 
ATOM 475 H H    . LYS A 1 31 ? 0.473   -2.498  -4.677  1.00 0.00 ? 31 LYS A H    1 
ATOM 476 H HA   . LYS A 1 31 ? -2.149  -3.285  -3.973  1.00 0.00 ? 31 LYS A HA   1 
ATOM 477 H HB2  . LYS A 1 31 ? -1.414  -1.928  -6.016  1.00 0.00 ? 31 LYS A HB2  1 
ATOM 478 H HB3  . LYS A 1 31 ? -1.036  -3.471  -6.780  1.00 0.00 ? 31 LYS A HB3  1 
ATOM 479 H HG2  . LYS A 1 31 ? -3.288  -4.185  -6.754  1.00 0.00 ? 31 LYS A HG2  1 
ATOM 480 H HG3  . LYS A 1 31 ? -3.747  -2.992  -5.538  1.00 0.00 ? 31 LYS A HG3  1 
ATOM 481 H HD2  . LYS A 1 31 ? -2.630  -1.881  -8.053  1.00 0.00 ? 31 LYS A HD2  1 
ATOM 482 H HD3  . LYS A 1 31 ? -4.199  -2.671  -8.202  1.00 0.00 ? 31 LYS A HD3  1 
ATOM 483 H HE2  . LYS A 1 31 ? -4.662  -0.379  -7.696  1.00 0.00 ? 31 LYS A HE2  1 
ATOM 484 H HE3  . LYS A 1 31 ? -4.958  -1.279  -6.204  1.00 0.00 ? 31 LYS A HE3  1 
ATOM 485 H HZ1  . LYS A 1 31 ? -2.362  0.037   -6.858  1.00 0.00 ? 31 LYS A HZ1  1 
ATOM 486 H HZ2  . LYS A 1 31 ? -3.593  0.772   -5.924  1.00 0.00 ? 31 LYS A HZ2  1 
ATOM 487 H HZ3  . LYS A 1 31 ? -2.839  -0.641  -5.368  1.00 0.00 ? 31 LYS A HZ3  1 
ATOM 488 N N    . GLN A 1 32 ? -0.418  -5.699  -5.388  1.00 0.00 ? 32 GLN A N    1 
ATOM 489 C CA   . GLN A 1 32 ? -0.378  -7.183  -5.515  1.00 0.00 ? 32 GLN A CA   1 
ATOM 490 C C    . GLN A 1 32 ? -0.493  -7.812  -4.119  1.00 0.00 ? 32 GLN A C    1 
ATOM 491 O O    . GLN A 1 32 ? -1.484  -8.430  -3.794  1.00 0.00 ? 32 GLN A O    1 
ATOM 492 C CB   . GLN A 1 32 ? 0.941   -7.594  -6.184  1.00 0.00 ? 32 GLN A CB   1 
ATOM 493 C CG   . GLN A 1 32 ? 0.870   -9.069  -6.606  1.00 0.00 ? 32 GLN A CG   1 
ATOM 494 C CD   . GLN A 1 32 ? -0.240  -9.263  -7.637  1.00 0.00 ? 32 GLN A CD   1 
ATOM 495 O OE1  . GLN A 1 32 ? -0.149  -8.778  -8.744  1.00 0.00 ? 32 GLN A OE1  1 
ATOM 496 N NE2  . GLN A 1 32 ? -1.290  -9.957  -7.322  1.00 0.00 ? 32 GLN A NE2  1 
ATOM 497 H H    . GLN A 1 32 ? 0.307   -5.154  -5.767  1.00 0.00 ? 32 GLN A H    1 
ATOM 498 H HA   . GLN A 1 32 ? -1.209  -7.515  -6.122  1.00 0.00 ? 32 GLN A HA   1 
ATOM 499 H HB2  . GLN A 1 32 ? 1.106   -6.979  -7.057  1.00 0.00 ? 32 GLN A HB2  1 
ATOM 500 H HB3  . GLN A 1 32 ? 1.757   -7.459  -5.489  1.00 0.00 ? 32 GLN A HB3  1 
ATOM 501 H HG2  . GLN A 1 32 ? 1.815   -9.368  -7.036  1.00 0.00 ? 32 GLN A HG2  1 
ATOM 502 H HG3  . GLN A 1 32 ? 0.664   -9.680  -5.743  1.00 0.00 ? 32 GLN A HG3  1 
ATOM 503 H HE21 . GLN A 1 32 ? -1.368  -10.354 -6.420  1.00 0.00 ? 32 GLN A HE21 1 
ATOM 504 H HE22 . GLN A 1 32 ? -2.002  -10.084 -7.976  1.00 0.00 ? 32 GLN A HE22 1 
ATOM 505 N N    . TYR A 1 33 ? 0.500   -7.638  -3.285  1.00 0.00 ? 33 TYR A N    1 
ATOM 506 C CA   . TYR A 1 33 ? 0.428   -8.220  -1.908  1.00 0.00 ? 33 TYR A CA   1 
ATOM 507 C C    . TYR A 1 33 ? -0.923  -7.868  -1.270  1.00 0.00 ? 33 TYR A C    1 
ATOM 508 O O    . TYR A 1 33 ? -1.613  -8.722  -0.742  1.00 0.00 ? 33 TYR A O    1 
ATOM 509 C CB   . TYR A 1 33 ? 1.566   -7.664  -1.044  1.00 0.00 ? 33 TYR A CB   1 
ATOM 510 C CG   . TYR A 1 33 ? 1.346   -8.084  0.392   1.00 0.00 ? 33 TYR A CG   1 
ATOM 511 C CD1  . TYR A 1 33 ? 1.527   -9.423  0.760   1.00 0.00 ? 33 TYR A CD1  1 
ATOM 512 C CD2  . TYR A 1 33 ? 0.949   -7.142  1.348   1.00 0.00 ? 33 TYR A CD2  1 
ATOM 513 C CE1  . TYR A 1 33 ? 1.307   -9.817  2.085   1.00 0.00 ? 33 TYR A CE1  1 
ATOM 514 C CE2  . TYR A 1 33 ? 0.733   -7.539  2.673   1.00 0.00 ? 33 TYR A CE2  1 
ATOM 515 C CZ   . TYR A 1 33 ? 0.912   -8.877  3.039   1.00 0.00 ? 33 TYR A CZ   1 
ATOM 516 O OH   . TYR A 1 33 ? 0.686   -9.272  4.337   1.00 0.00 ? 33 TYR A OH   1 
ATOM 517 H H    . TYR A 1 33 ? 1.285   -7.119  -3.561  1.00 0.00 ? 33 TYR A H    1 
ATOM 518 H HA   . TYR A 1 33 ? 0.518   -9.296  -1.971  1.00 0.00 ? 33 TYR A HA   1 
ATOM 519 H HB2  . TYR A 1 33 ? 2.509   -8.055  -1.395  1.00 0.00 ? 33 TYR A HB2  1 
ATOM 520 H HB3  . TYR A 1 33 ? 1.574   -6.586  -1.107  1.00 0.00 ? 33 TYR A HB3  1 
ATOM 521 H HD1  . TYR A 1 33 ? 1.832   -10.150 0.023   1.00 0.00 ? 33 TYR A HD1  1 
ATOM 522 H HD2  . TYR A 1 33 ? 0.811   -6.108  1.064   1.00 0.00 ? 33 TYR A HD2  1 
ATOM 523 H HE1  . TYR A 1 33 ? 1.446   -10.849 2.373   1.00 0.00 ? 33 TYR A HE1  1 
ATOM 524 H HE2  . TYR A 1 33 ? 0.428   -6.815  3.414   1.00 0.00 ? 33 TYR A HE2  1 
ATOM 525 H HH   . TYR A 1 33 ? -0.219  -9.612  4.385   1.00 0.00 ? 33 TYR A HH   1 
ATOM 526 N N    . ALA A 1 34 ? -1.313  -6.621  -1.322  1.00 0.00 ? 34 ALA A N    1 
ATOM 527 C CA   . ALA A 1 34 ? -2.627  -6.231  -0.732  1.00 0.00 ? 34 ALA A CA   1 
ATOM 528 C C    . ALA A 1 34 ? -3.723  -7.089  -1.376  1.00 0.00 ? 34 ALA A C    1 
ATOM 529 O O    . ALA A 1 34 ? -4.500  -7.735  -0.699  1.00 0.00 ? 34 ALA A O    1 
ATOM 530 C CB   . ALA A 1 34 ? -2.890  -4.746  -1.007  1.00 0.00 ? 34 ALA A CB   1 
ATOM 531 H H    . ALA A 1 34 ? -0.749  -5.946  -1.761  1.00 0.00 ? 34 ALA A H    1 
ATOM 532 H HA   . ALA A 1 34 ? -2.613  -6.409  0.333   1.00 0.00 ? 34 ALA A HA   1 
ATOM 533 H HB1  . ALA A 1 34 ? -2.725  -4.539  -2.055  1.00 0.00 ? 34 ALA A HB1  1 
ATOM 534 H HB2  . ALA A 1 34 ? -2.219  -4.144  -0.412  1.00 0.00 ? 34 ALA A HB2  1 
ATOM 535 H HB3  . ALA A 1 34 ? -3.912  -4.507  -0.750  1.00 0.00 ? 34 ALA A HB3  1 
ATOM 536 N N    . ASN A 1 35 ? -3.764  -7.128  -2.682  1.00 0.00 ? 35 ASN A N    1 
ATOM 537 C CA   . ASN A 1 35 ? -4.781  -7.971  -3.372  1.00 0.00 ? 35 ASN A CA   1 
ATOM 538 C C    . ASN A 1 35 ? -4.529  -9.437  -2.993  1.00 0.00 ? 35 ASN A C    1 
ATOM 539 O O    . ASN A 1 35 ? -5.431  -10.148 -2.591  1.00 0.00 ? 35 ASN A O    1 
ATOM 540 C CB   . ASN A 1 35 ? -4.653  -7.782  -4.888  1.00 0.00 ? 35 ASN A CB   1 
ATOM 541 C CG   . ASN A 1 35 ? -5.379  -6.506  -5.322  1.00 0.00 ? 35 ASN A CG   1 
ATOM 542 O OD1  . ASN A 1 35 ? -5.682  -6.335  -6.482  1.00 0.00 ? 35 ASN A OD1  1 
ATOM 543 N ND2  . ASN A 1 35 ? -5.671  -5.597  -4.442  1.00 0.00 ? 35 ASN A ND2  1 
ATOM 544 H H    . ASN A 1 35 ? -3.106  -6.622  -3.210  1.00 0.00 ? 35 ASN A H    1 
ATOM 545 H HA   . ASN A 1 35 ? -5.771  -7.684  -3.047  1.00 0.00 ? 35 ASN A HA   1 
ATOM 546 H HB2  . ASN A 1 35 ? -3.610  -7.704  -5.154  1.00 0.00 ? 35 ASN A HB2  1 
ATOM 547 H HB3  . ASN A 1 35 ? -5.089  -8.629  -5.396  1.00 0.00 ? 35 ASN A HB3  1 
ATOM 548 H HD21 . ASN A 1 35 ? -5.426  -5.726  -3.502  1.00 0.00 ? 35 ASN A HD21 1 
ATOM 549 H HD22 . ASN A 1 35 ? -6.143  -4.778  -4.717  1.00 0.00 ? 35 ASN A HD22 1 
ATOM 550 N N    . ASP A 1 36 ? -3.303  -9.883  -3.093  1.00 0.00 ? 36 ASP A N    1 
ATOM 551 C CA   . ASP A 1 36 ? -2.974  -11.289 -2.718  1.00 0.00 ? 36 ASP A CA   1 
ATOM 552 C C    . ASP A 1 36 ? -3.490  -11.554 -1.298  1.00 0.00 ? 36 ASP A C    1 
ATOM 553 O O    . ASP A 1 36 ? -4.042  -12.596 -1.000  1.00 0.00 ? 36 ASP A O    1 
ATOM 554 C CB   . ASP A 1 36 ? -1.448  -11.478 -2.756  1.00 0.00 ? 36 ASP A CB   1 
ATOM 555 C CG   . ASP A 1 36 ? -0.912  -11.280 -4.175  1.00 0.00 ? 36 ASP A CG   1 
ATOM 556 O OD1  . ASP A 1 36 ? -1.702  -11.027 -5.069  1.00 0.00 ? 36 ASP A OD1  1 
ATOM 557 O OD2  . ASP A 1 36 ? 0.289   -11.388 -4.342  1.00 0.00 ? 36 ASP A OD2  1 
ATOM 558 H H    . ASP A 1 36 ? -2.588  -9.284  -3.405  1.00 0.00 ? 36 ASP A H    1 
ATOM 559 H HA   . ASP A 1 36 ? -3.445  -11.975 -3.409  1.00 0.00 ? 36 ASP A HA   1 
ATOM 560 H HB2  . ASP A 1 36 ? -0.983  -10.758 -2.100  1.00 0.00 ? 36 ASP A HB2  1 
ATOM 561 H HB3  . ASP A 1 36 ? -1.201  -12.474 -2.421  1.00 0.00 ? 36 ASP A HB3  1 
ATOM 562 N N    . ASN A 1 37 ? -3.321  -10.603 -0.418  1.00 0.00 ? 37 ASN A N    1 
ATOM 563 C CA   . ASN A 1 37 ? -3.807  -10.779 0.983   1.00 0.00 ? 37 ASN A CA   1 
ATOM 564 C C    . ASN A 1 37 ? -5.322  -10.529 1.038   1.00 0.00 ? 37 ASN A C    1 
ATOM 565 O O    . ASN A 1 37 ? -5.928  -10.586 2.092   1.00 0.00 ? 37 ASN A O    1 
ATOM 566 C CB   . ASN A 1 37 ? -3.081  -9.790  1.906   1.00 0.00 ? 37 ASN A CB   1 
ATOM 567 C CG   . ASN A 1 37 ? -1.930  -10.494 2.628   1.00 0.00 ? 37 ASN A CG   1 
ATOM 568 O OD1  . ASN A 1 37 ? -1.573  -10.128 3.727   1.00 0.00 ? 37 ASN A OD1  1 
ATOM 569 N ND2  . ASN A 1 37 ? -1.325  -11.490 2.058   1.00 0.00 ? 37 ASN A ND2  1 
ATOM 570 H H    . ASN A 1 37 ? -2.877  -9.766  -0.685  1.00 0.00 ? 37 ASN A H    1 
ATOM 571 H HA   . ASN A 1 37 ? -3.608  -11.788 1.307   1.00 0.00 ? 37 ASN A HA   1 
ATOM 572 H HB2  . ASN A 1 37 ? -2.688  -8.972  1.321   1.00 0.00 ? 37 ASN A HB2  1 
ATOM 573 H HB3  . ASN A 1 37 ? -3.776  -9.404  2.637   1.00 0.00 ? 37 ASN A HB3  1 
ATOM 574 H HD21 . ASN A 1 37 ? -1.605  -11.790 1.168   1.00 0.00 ? 37 ASN A HD21 1 
ATOM 575 H HD22 . ASN A 1 37 ? -0.587  -11.937 2.519   1.00 0.00 ? 37 ASN A HD22 1 
ATOM 576 N N    . GLY A 1 38 ? -5.935  -10.260 -0.082  1.00 0.00 ? 38 GLY A N    1 
ATOM 577 C CA   . GLY A 1 38 ? -7.411  -10.015 -0.092  1.00 0.00 ? 38 GLY A CA   1 
ATOM 578 C C    . GLY A 1 38 ? -7.713  -8.605  0.420   1.00 0.00 ? 38 GLY A C    1 
ATOM 579 O O    . GLY A 1 38 ? -8.780  -8.346  0.936   1.00 0.00 ? 38 GLY A O    1 
ATOM 580 H H    . GLY A 1 38 ? -5.427  -10.224 -0.924  1.00 0.00 ? 38 GLY A H    1 
ATOM 581 H HA2  . GLY A 1 38 ? -7.786  -10.121 -1.100  1.00 0.00 ? 38 GLY A HA2  1 
ATOM 582 H HA3  . GLY A 1 38 ? -7.900  -10.735 0.549   1.00 0.00 ? 38 GLY A HA3  1 
ATOM 583 N N    . VAL A 1 39 ? -6.781  -7.699  0.284   1.00 0.00 ? 39 VAL A N    1 
ATOM 584 C CA   . VAL A 1 39 ? -7.007  -6.300  0.770   1.00 0.00 ? 39 VAL A CA   1 
ATOM 585 C C    . VAL A 1 39 ? -7.010  -5.315  -0.411  1.00 0.00 ? 39 VAL A C    1 
ATOM 586 O O    . VAL A 1 39 ? -6.100  -5.290  -1.217  1.00 0.00 ? 39 VAL A O    1 
ATOM 587 C CB   . VAL A 1 39 ? -5.883  -5.924  1.743   1.00 0.00 ? 39 VAL A CB   1 
ATOM 588 C CG1  . VAL A 1 39 ? -6.148  -4.538  2.331   1.00 0.00 ? 39 VAL A CG1  1 
ATOM 589 C CG2  . VAL A 1 39 ? -5.833  -6.944  2.878   1.00 0.00 ? 39 VAL A CG2  1 
ATOM 590 H H    . VAL A 1 39 ? -5.925  -7.937  -0.133  1.00 0.00 ? 39 VAL A H    1 
ATOM 591 H HA   . VAL A 1 39 ? -7.958  -6.243  1.281   1.00 0.00 ? 39 VAL A HA   1 
ATOM 592 H HB   . VAL A 1 39 ? -4.938  -5.922  1.216   1.00 0.00 ? 39 VAL A HB   1 
ATOM 593 H HG11 . VAL A 1 39 ? -7.208  -4.327  2.290   1.00 0.00 ? 39 VAL A HG11 1 
ATOM 594 H HG12 . VAL A 1 39 ? -5.818  -4.514  3.361   1.00 0.00 ? 39 VAL A HG12 1 
ATOM 595 H HG13 . VAL A 1 39 ? -5.611  -3.795  1.765   1.00 0.00 ? 39 VAL A HG13 1 
ATOM 596 H HG21 . VAL A 1 39 ? -6.808  -7.014  3.338   1.00 0.00 ? 39 VAL A HG21 1 
ATOM 597 H HG22 . VAL A 1 39 ? -5.550  -7.909  2.486   1.00 0.00 ? 39 VAL A HG22 1 
ATOM 598 H HG23 . VAL A 1 39 ? -5.112  -6.629  3.614   1.00 0.00 ? 39 VAL A HG23 1 
ATOM 599 N N    . ASP A 1 40 ? -8.024  -4.494  -0.501  1.00 0.00 ? 40 ASP A N    1 
ATOM 600 C CA   . ASP A 1 40 ? -8.107  -3.487  -1.604  1.00 0.00 ? 40 ASP A CA   1 
ATOM 601 C C    . ASP A 1 40 ? -9.301  -2.548  -1.339  1.00 0.00 ? 40 ASP A C    1 
ATOM 602 O O    . ASP A 1 40 ? -9.578  -2.194  -0.211  1.00 0.00 ? 40 ASP A O    1 
ATOM 603 C CB   . ASP A 1 40 ? -8.292  -4.205  -2.950  1.00 0.00 ? 40 ASP A CB   1 
ATOM 604 C CG   . ASP A 1 40 ? -7.936  -3.248  -4.084  1.00 0.00 ? 40 ASP A CG   1 
ATOM 605 O OD1  . ASP A 1 40 ? -8.834  -2.603  -4.586  1.00 0.00 ? 40 ASP A OD1  1 
ATOM 606 O OD2  . ASP A 1 40 ? -6.769  -3.169  -4.426  1.00 0.00 ? 40 ASP A OD2  1 
ATOM 607 H H    . ASP A 1 40 ? -8.735  -4.531  0.172   1.00 0.00 ? 40 ASP A H    1 
ATOM 608 H HA   . ASP A 1 40 ? -7.198  -2.902  -1.630  1.00 0.00 ? 40 ASP A HA   1 
ATOM 609 H HB2  . ASP A 1 40 ? -7.648  -5.068  -2.994  1.00 0.00 ? 40 ASP A HB2  1 
ATOM 610 H HB3  . ASP A 1 40 ? -9.321  -4.518  -3.058  1.00 0.00 ? 40 ASP A HB3  1 
ATOM 611 N N    . GLY A 1 41 ? -10.004 -2.146  -2.365  1.00 0.00 ? 41 GLY A N    1 
ATOM 612 C CA   . GLY A 1 41 ? -11.178 -1.236  -2.174  1.00 0.00 ? 41 GLY A CA   1 
ATOM 613 C C    . GLY A 1 41 ? -10.744 0.217   -2.369  1.00 0.00 ? 41 GLY A C    1 
ATOM 614 O O    . GLY A 1 41 ? -10.749 0.729   -3.471  1.00 0.00 ? 41 GLY A O    1 
ATOM 615 H H    . GLY A 1 41 ? -9.755  -2.444  -3.271  1.00 0.00 ? 41 GLY A H    1 
ATOM 616 H HA2  . GLY A 1 41 ? -11.939 -1.481  -2.898  1.00 0.00 ? 41 GLY A HA2  1 
ATOM 617 H HA3  . GLY A 1 41 ? -11.576 -1.360  -1.176  1.00 0.00 ? 41 GLY A HA3  1 
ATOM 618 N N    . GLU A 1 42 ? -10.368 0.885   -1.313  1.00 0.00 ? 42 GLU A N    1 
ATOM 619 C CA   . GLU A 1 42 ? -9.928  2.308   -1.446  1.00 0.00 ? 42 GLU A CA   1 
ATOM 620 C C    . GLU A 1 42 ? -8.409  2.357   -1.668  1.00 0.00 ? 42 GLU A C    1 
ATOM 621 O O    . GLU A 1 42 ? -7.667  1.545   -1.143  1.00 0.00 ? 42 GLU A O    1 
ATOM 622 C CB   . GLU A 1 42 ? -10.296 3.079   -0.176  1.00 0.00 ? 42 GLU A CB   1 
ATOM 623 C CG   . GLU A 1 42 ? -10.911 4.431   -0.563  1.00 0.00 ? 42 GLU A CG   1 
ATOM 624 C CD   . GLU A 1 42 ? -9.866  5.290   -1.273  1.00 0.00 ? 42 GLU A CD   1 
ATOM 625 O OE1  . GLU A 1 42 ? -9.217  6.067   -0.599  1.00 0.00 ? 42 GLU A OE1  1 
ATOM 626 O OE2  . GLU A 1 42 ? -9.729  5.152   -2.475  1.00 0.00 ? 42 GLU A OE2  1 
ATOM 627 H H    . GLU A 1 42 ? -10.371 0.451   -0.430  1.00 0.00 ? 42 GLU A H    1 
ATOM 628 H HA   . GLU A 1 42 ? -10.423 2.760   -2.294  1.00 0.00 ? 42 GLU A HA   1 
ATOM 629 H HB2  . GLU A 1 42 ? -11.013 2.507   0.400   1.00 0.00 ? 42 GLU A HB2  1 
ATOM 630 H HB3  . GLU A 1 42 ? -9.410  3.246   0.417   1.00 0.00 ? 42 GLU A HB3  1 
ATOM 631 H HG2  . GLU A 1 42 ? -11.748 4.269   -1.226  1.00 0.00 ? 42 GLU A HG2  1 
ATOM 632 H HG3  . GLU A 1 42 ? -11.249 4.943   0.324   1.00 0.00 ? 42 GLU A HG3  1 
ATOM 633 N N    . TRP A 1 43 ? -7.943  3.303   -2.437  1.00 0.00 ? 43 TRP A N    1 
ATOM 634 C CA   . TRP A 1 43 ? -6.473  3.408   -2.705  1.00 0.00 ? 43 TRP A CA   1 
ATOM 635 C C    . TRP A 1 43 ? -6.021  4.873   -2.629  1.00 0.00 ? 43 TRP A C    1 
ATOM 636 O O    . TRP A 1 43 ? -6.138  5.623   -3.581  1.00 0.00 ? 43 TRP A O    1 
ATOM 637 C CB   . TRP A 1 43 ? -6.183  2.854   -4.107  1.00 0.00 ? 43 TRP A CB   1 
ATOM 638 C CG   . TRP A 1 43 ? -5.843  1.404   -4.002  1.00 0.00 ? 43 TRP A CG   1 
ATOM 639 C CD1  . TRP A 1 43 ? -6.721  0.387   -4.154  1.00 0.00 ? 43 TRP A CD1  1 
ATOM 640 C CD2  . TRP A 1 43 ? -4.554  0.792   -3.715  1.00 0.00 ? 43 TRP A CD2  1 
ATOM 641 N NE1  . TRP A 1 43 ? -6.050  -0.811  -3.986  1.00 0.00 ? 43 TRP A NE1  1 
ATOM 642 C CE2  . TRP A 1 43 ? -4.716  -0.612  -3.710  1.00 0.00 ? 43 TRP A CE2  1 
ATOM 643 C CE3  . TRP A 1 43 ? -3.272  1.314   -3.468  1.00 0.00 ? 43 TRP A CE3  1 
ATOM 644 C CZ2  . TRP A 1 43 ? -3.649  -1.469  -3.456  1.00 0.00 ? 43 TRP A CZ2  1 
ATOM 645 C CZ3  . TRP A 1 43 ? -2.192  0.454   -3.212  1.00 0.00 ? 43 TRP A CZ3  1 
ATOM 646 C CH2  . TRP A 1 43 ? -2.379  -0.935  -3.209  1.00 0.00 ? 43 TRP A CH2  1 
ATOM 647 H H    . TRP A 1 43 ? -8.565  3.951   -2.843  1.00 0.00 ? 43 TRP A H    1 
ATOM 648 H HA   . TRP A 1 43 ? -5.931  2.829   -1.974  1.00 0.00 ? 43 TRP A HA   1 
ATOM 649 H HB2  . TRP A 1 43 ? -7.058  2.978   -4.730  1.00 0.00 ? 43 TRP A HB2  1 
ATOM 650 H HB3  . TRP A 1 43 ? -5.354  3.391   -4.543  1.00 0.00 ? 43 TRP A HB3  1 
ATOM 651 H HD1  . TRP A 1 43 ? -7.773  0.493   -4.375  1.00 0.00 ? 43 TRP A HD1  1 
ATOM 652 H HE1  . TRP A 1 43 ? -6.461  -1.714  -4.048  1.00 0.00 ? 43 TRP A HE1  1 
ATOM 653 H HE3  . TRP A 1 43 ? -3.116  2.382   -3.469  1.00 0.00 ? 43 TRP A HE3  1 
ATOM 654 H HZ2  . TRP A 1 43 ? -3.804  -2.537  -3.451  1.00 0.00 ? 43 TRP A HZ2  1 
ATOM 655 H HZ3  . TRP A 1 43 ? -1.212  0.864   -3.021  1.00 0.00 ? 43 TRP A HZ3  1 
ATOM 656 H HH2  . TRP A 1 43 ? -1.545  -1.589  -3.010  1.00 0.00 ? 43 TRP A HH2  1 
ATOM 657 N N    . THR A 1 44 ? -5.490  5.283   -1.509  1.00 0.00 ? 44 THR A N    1 
ATOM 658 C CA   . THR A 1 44 ? -5.021  6.700   -1.372  1.00 0.00 ? 44 THR A CA   1 
ATOM 659 C C    . THR A 1 44 ? -3.493  6.734   -1.169  1.00 0.00 ? 44 THR A C    1 
ATOM 660 O O    . THR A 1 44 ? -2.905  5.829   -0.600  1.00 0.00 ? 44 THR A O    1 
ATOM 661 C CB   . THR A 1 44 ? -5.725  7.366   -0.177  1.00 0.00 ? 44 THR A CB   1 
ATOM 662 O OG1  . THR A 1 44 ? -4.796  8.162   0.538   1.00 0.00 ? 44 THR A OG1  1 
ATOM 663 C CG2  . THR A 1 44 ? -6.297  6.302   0.761   1.00 0.00 ? 44 THR A CG2  1 
ATOM 664 H H    . THR A 1 44 ? -5.392  4.660   -0.758  1.00 0.00 ? 44 THR A H    1 
ATOM 665 H HA   . THR A 1 44 ? -5.266  7.244   -2.273  1.00 0.00 ? 44 THR A HA   1 
ATOM 666 H HB   . THR A 1 44 ? -6.533  7.988   -0.539  1.00 0.00 ? 44 THR A HB   1 
ATOM 667 H HG1  . THR A 1 44 ? -4.315  7.579   1.148   1.00 0.00 ? 44 THR A HG1  1 
ATOM 668 H HG21 . THR A 1 44 ? -5.548  5.554   0.957   1.00 0.00 ? 44 THR A HG21 1 
ATOM 669 H HG22 . THR A 1 44 ? -6.596  6.768   1.688   1.00 0.00 ? 44 THR A HG22 1 
ATOM 670 H HG23 . THR A 1 44 ? -7.154  5.838   0.299   1.00 0.00 ? 44 THR A HG23 1 
ATOM 671 N N    . TYR A 1 45 ? -2.846  7.774   -1.632  1.00 0.00 ? 45 TYR A N    1 
ATOM 672 C CA   . TYR A 1 45 ? -1.358  7.883   -1.476  1.00 0.00 ? 45 TYR A CA   1 
ATOM 673 C C    . TYR A 1 45 ? -0.942  9.353   -1.602  1.00 0.00 ? 45 TYR A C    1 
ATOM 674 O O    . TYR A 1 45 ? -1.490  10.096  -2.395  1.00 0.00 ? 45 TYR A O    1 
ATOM 675 C CB   . TYR A 1 45 ? -0.672  7.057   -2.574  1.00 0.00 ? 45 TYR A CB   1 
ATOM 676 C CG   . TYR A 1 45 ? 0.727   7.584   -2.841  1.00 0.00 ? 45 TYR A CG   1 
ATOM 677 C CD1  . TYR A 1 45 ? 1.792   7.247   -1.995  1.00 0.00 ? 45 TYR A CD1  1 
ATOM 678 C CD2  . TYR A 1 45 ? 0.957   8.407   -3.951  1.00 0.00 ? 45 TYR A CD2  1 
ATOM 679 C CE1  . TYR A 1 45 ? 3.082   7.731   -2.262  1.00 0.00 ? 45 TYR A CE1  1 
ATOM 680 C CE2  . TYR A 1 45 ? 2.245   8.892   -4.214  1.00 0.00 ? 45 TYR A CE2  1 
ATOM 681 C CZ   . TYR A 1 45 ? 3.308   8.552   -3.370  1.00 0.00 ? 45 TYR A CZ   1 
ATOM 682 O OH   . TYR A 1 45 ? 4.579   9.023   -3.637  1.00 0.00 ? 45 TYR A OH   1 
ATOM 683 H H    . TYR A 1 45 ? -3.340  8.489   -2.084  1.00 0.00 ? 45 TYR A H    1 
ATOM 684 H HA   . TYR A 1 45 ? -1.067  7.510   -0.504  1.00 0.00 ? 45 TYR A HA   1 
ATOM 685 H HB2  . TYR A 1 45 ? -0.612  6.024   -2.261  1.00 0.00 ? 45 TYR A HB2  1 
ATOM 686 H HB3  . TYR A 1 45 ? -1.254  7.119   -3.481  1.00 0.00 ? 45 TYR A HB3  1 
ATOM 687 H HD1  . TYR A 1 45 ? 1.620   6.613   -1.137  1.00 0.00 ? 45 TYR A HD1  1 
ATOM 688 H HD2  . TYR A 1 45 ? 0.138   8.672   -4.603  1.00 0.00 ? 45 TYR A HD2  1 
ATOM 689 H HE1  . TYR A 1 45 ? 3.901   7.472   -1.609  1.00 0.00 ? 45 TYR A HE1  1 
ATOM 690 H HE2  . TYR A 1 45 ? 2.418   9.527   -5.069  1.00 0.00 ? 45 TYR A HE2  1 
ATOM 691 H HH   . TYR A 1 45 ? 4.607   9.277   -4.563  1.00 0.00 ? 45 TYR A HH   1 
ATOM 692 N N    . ASP A 1 46 ? 0.022   9.776   -0.832  1.00 0.00 ? 46 ASP A N    1 
ATOM 693 C CA   . ASP A 1 46 ? 0.476   11.195  -0.902  1.00 0.00 ? 46 ASP A CA   1 
ATOM 694 C C    . ASP A 1 46 ? 1.989   11.253  -1.197  1.00 0.00 ? 46 ASP A C    1 
ATOM 695 O O    . ASP A 1 46 ? 2.737   10.343  -0.886  1.00 0.00 ? 46 ASP A O    1 
ATOM 696 C CB   . ASP A 1 46 ? 0.154   11.871  0.439   1.00 0.00 ? 46 ASP A CB   1 
ATOM 697 C CG   . ASP A 1 46 ? 1.145   12.994  0.723   1.00 0.00 ? 46 ASP A CG   1 
ATOM 698 O OD1  . ASP A 1 46 ? 1.268   13.883  -0.100  1.00 0.00 ? 46 ASP A OD1  1 
ATOM 699 O OD2  . ASP A 1 46 ? 1.771   12.941  1.760   1.00 0.00 ? 46 ASP A OD2  1 
ATOM 700 H H    . ASP A 1 46 ? 0.451   9.157   -0.203  1.00 0.00 ? 46 ASP A H    1 
ATOM 701 H HA   . ASP A 1 46 ? -0.056  11.703  -1.692  1.00 0.00 ? 46 ASP A HA   1 
ATOM 702 H HB2  . ASP A 1 46 ? -0.844  12.279  0.402   1.00 0.00 ? 46 ASP A HB2  1 
ATOM 703 H HB3  . ASP A 1 46 ? 0.211   11.139  1.231   1.00 0.00 ? 46 ASP A HB3  1 
ATOM 704 N N    . ALA A 1 47 ? 2.436   12.323  -1.798  1.00 0.00 ? 47 ALA A N    1 
ATOM 705 C CA   . ALA A 1 47 ? 3.885   12.461  -2.123  1.00 0.00 ? 47 ALA A CA   1 
ATOM 706 C C    . ALA A 1 47 ? 4.608   13.237  -1.012  1.00 0.00 ? 47 ALA A C    1 
ATOM 707 O O    . ALA A 1 47 ? 5.811   13.134  -0.863  1.00 0.00 ? 47 ALA A O    1 
ATOM 708 C CB   . ALA A 1 47 ? 4.032   13.212  -3.451  1.00 0.00 ? 47 ALA A CB   1 
ATOM 709 H H    . ALA A 1 47 ? 1.811   13.039  -2.032  1.00 0.00 ? 47 ALA A H    1 
ATOM 710 H HA   . ALA A 1 47 ? 4.328   11.481  -2.218  1.00 0.00 ? 47 ALA A HA   1 
ATOM 711 H HB1  . ALA A 1 47 ? 3.421   14.103  -3.430  1.00 0.00 ? 47 ALA A HB1  1 
ATOM 712 H HB2  . ALA A 1 47 ? 5.066   13.490  -3.595  1.00 0.00 ? 47 ALA A HB2  1 
ATOM 713 H HB3  . ALA A 1 47 ? 3.713   12.577  -4.263  1.00 0.00 ? 47 ALA A HB3  1 
ATOM 714 N N    . ALA A 1 48 ? 3.894   14.005  -0.228  1.00 0.00 ? 48 ALA A N    1 
ATOM 715 C CA   . ALA A 1 48 ? 4.557   14.771  0.872   1.00 0.00 ? 48 ALA A CA   1 
ATOM 716 C C    . ALA A 1 48 ? 4.999   13.788  1.958   1.00 0.00 ? 48 ALA A C    1 
ATOM 717 O O    . ALA A 1 48 ? 6.142   13.760  2.369   1.00 0.00 ? 48 ALA A O    1 
ATOM 718 C CB   . ALA A 1 48 ? 3.565   15.783  1.455   1.00 0.00 ? 48 ALA A CB   1 
ATOM 719 H H    . ALA A 1 48 ? 2.919   14.071  -0.357  1.00 0.00 ? 48 ALA A H    1 
ATOM 720 H HA   . ALA A 1 48 ? 5.421   15.292  0.484   1.00 0.00 ? 48 ALA A HA   1 
ATOM 721 H HB1  . ALA A 1 48 ? 4.038   16.333  2.256   1.00 0.00 ? 48 ALA A HB1  1 
ATOM 722 H HB2  . ALA A 1 48 ? 3.254   16.469  0.681   1.00 0.00 ? 48 ALA A HB2  1 
ATOM 723 H HB3  . ALA A 1 48 ? 2.702   15.259  1.839   1.00 0.00 ? 48 ALA A HB3  1 
ATOM 724 N N    . THR A 1 49 ? 4.096   12.968  2.407   1.00 0.00 ? 49 THR A N    1 
ATOM 725 C CA   . THR A 1 49 ? 4.436   11.956  3.448   1.00 0.00 ? 49 THR A CA   1 
ATOM 726 C C    . THR A 1 49 ? 5.115   10.768  2.771   1.00 0.00 ? 49 THR A C    1 
ATOM 727 O O    . THR A 1 49 ? 5.739   9.943   3.411   1.00 0.00 ? 49 THR A O    1 
ATOM 728 C CB   . THR A 1 49 ? 3.159   11.475  4.138   1.00 0.00 ? 49 THR A CB   1 
ATOM 729 O OG1  . THR A 1 49 ? 2.281   10.931  3.165   1.00 0.00 ? 49 THR A OG1  1 
ATOM 730 C CG2  . THR A 1 49 ? 2.473   12.649  4.838   1.00 0.00 ? 49 THR A CG2  1 
ATOM 731 H H    . THR A 1 49 ? 3.178   13.009  2.043   1.00 0.00 ? 49 THR A H    1 
ATOM 732 H HA   . THR A 1 49 ? 5.105   12.388  4.176   1.00 0.00 ? 49 THR A HA   1 
ATOM 733 H HB   . THR A 1 49 ? 3.405   10.718  4.867   1.00 0.00 ? 49 THR A HB   1 
ATOM 734 H HG1  . THR A 1 49 ? 1.973   11.662  2.598   1.00 0.00 ? 49 THR A HG1  1 
ATOM 735 H HG21 . THR A 1 49 ? 2.820   13.579  4.411   1.00 0.00 ? 49 THR A HG21 1 
ATOM 736 H HG22 . THR A 1 49 ? 1.404   12.569  4.705   1.00 0.00 ? 49 THR A HG22 1 
ATOM 737 H HG23 . THR A 1 49 ? 2.707   12.625  5.892   1.00 0.00 ? 49 THR A HG23 1 
ATOM 738 N N    . LYS A 1 50 ? 4.999   10.683  1.470   1.00 0.00 ? 50 LYS A N    1 
ATOM 739 C CA   . LYS A 1 50 ? 5.640   9.564   0.716   1.00 0.00 ? 50 LYS A CA   1 
ATOM 740 C C    . LYS A 1 50 ? 5.130   8.207   1.231   1.00 0.00 ? 50 LYS A C    1 
ATOM 741 O O    . LYS A 1 50 ? 5.787   7.192   1.087   1.00 0.00 ? 50 LYS A O    1 
ATOM 742 C CB   . LYS A 1 50 ? 7.162   9.656   0.895   1.00 0.00 ? 50 LYS A CB   1 
ATOM 743 C CG   . LYS A 1 50 ? 7.801   10.181  -0.392  1.00 0.00 ? 50 LYS A CG   1 
ATOM 744 C CD   . LYS A 1 50 ? 8.078   9.003   -1.333  1.00 0.00 ? 50 LYS A CD   1 
ATOM 745 C CE   . LYS A 1 50 ? 8.189   9.505   -2.770  1.00 0.00 ? 50 LYS A CE   1 
ATOM 746 N NZ   . LYS A 1 50 ? 9.094   8.594   -3.531  1.00 0.00 ? 50 LYS A NZ   1 
ATOM 747 H H    . LYS A 1 50 ? 4.491   11.368  0.987   1.00 0.00 ? 50 LYS A H    1 
ATOM 748 H HA   . LYS A 1 50 ? 5.397   9.657   -0.332  1.00 0.00 ? 50 LYS A HA   1 
ATOM 749 H HB2  . LYS A 1 50 ? 7.388   10.332  1.708   1.00 0.00 ? 50 LYS A HB2  1 
ATOM 750 H HB3  . LYS A 1 50 ? 7.562   8.679   1.120   1.00 0.00 ? 50 LYS A HB3  1 
ATOM 751 H HG2  . LYS A 1 50 ? 7.128   10.882  -0.869  1.00 0.00 ? 50 LYS A HG2  1 
ATOM 752 H HG3  . LYS A 1 50 ? 8.731   10.680  -0.156  1.00 0.00 ? 50 LYS A HG3  1 
ATOM 753 H HD2  . LYS A 1 50 ? 9.003   8.525   -1.044  1.00 0.00 ? 50 LYS A HD2  1 
ATOM 754 H HD3  . LYS A 1 50 ? 7.270   8.291   -1.263  1.00 0.00 ? 50 LYS A HD3  1 
ATOM 755 H HE2  . LYS A 1 50 ? 7.206   9.511   -3.225  1.00 0.00 ? 50 LYS A HE2  1 
ATOM 756 H HE3  . LYS A 1 50 ? 8.594   10.507  -2.771  1.00 0.00 ? 50 LYS A HE3  1 
ATOM 757 H HZ1  . LYS A 1 50 ? 9.801   8.188   -2.886  1.00 0.00 ? 50 LYS A HZ1  1 
ATOM 758 H HZ2  . LYS A 1 50 ? 8.534   7.817   -3.958  1.00 0.00 ? 50 LYS A HZ2  1 
ATOM 759 H HZ3  . LYS A 1 50 ? 9.575   9.125   -4.283  1.00 0.00 ? 50 LYS A HZ3  1 
ATOM 760 N N    . THR A 1 51 ? 3.966   8.181   1.826   1.00 0.00 ? 51 THR A N    1 
ATOM 761 C CA   . THR A 1 51 ? 3.418   6.890   2.354   1.00 0.00 ? 51 THR A CA   1 
ATOM 762 C C    . THR A 1 51 ? 2.153   6.492   1.585   1.00 0.00 ? 51 THR A C    1 
ATOM 763 O O    . THR A 1 51 ? 1.393   7.326   1.134   1.00 0.00 ? 51 THR A O    1 
ATOM 764 C CB   . THR A 1 51 ? 3.092   7.053   3.844   1.00 0.00 ? 51 THR A CB   1 
ATOM 765 O OG1  . THR A 1 51 ? 4.291   6.941   4.594   1.00 0.00 ? 51 THR A OG1  1 
ATOM 766 C CG2  . THR A 1 51 ? 2.122   5.963   4.300   1.00 0.00 ? 51 THR A CG2  1 
ATOM 767 H H    . THR A 1 51 ? 3.454   9.012   1.927   1.00 0.00 ? 51 THR A H    1 
ATOM 768 H HA   . THR A 1 51 ? 4.157   6.112   2.238   1.00 0.00 ? 51 THR A HA   1 
ATOM 769 H HB   . THR A 1 51 ? 2.645   8.023   4.011   1.00 0.00 ? 51 THR A HB   1 
ATOM 770 H HG1  . THR A 1 51 ? 4.905   7.612   4.268   1.00 0.00 ? 51 THR A HG1  1 
ATOM 771 H HG21 . THR A 1 51 ? 2.474   5.002   3.957   1.00 0.00 ? 51 THR A HG21 1 
ATOM 772 H HG22 . THR A 1 51 ? 2.066   5.961   5.377   1.00 0.00 ? 51 THR A HG22 1 
ATOM 773 H HG23 . THR A 1 51 ? 1.142   6.156   3.888   1.00 0.00 ? 51 THR A HG23 1 
ATOM 774 N N    . PHE A 1 52 ? 1.919   5.214   1.445   1.00 0.00 ? 52 PHE A N    1 
ATOM 775 C CA   . PHE A 1 52 ? 0.704   4.737   0.718   1.00 0.00 ? 52 PHE A CA   1 
ATOM 776 C C    . PHE A 1 52 ? -0.410  4.415   1.722   1.00 0.00 ? 52 PHE A C    1 
ATOM 777 O O    . PHE A 1 52 ? -0.157  4.089   2.868   1.00 0.00 ? 52 PHE A O    1 
ATOM 778 C CB   . PHE A 1 52 ? 1.058   3.472   -0.070  1.00 0.00 ? 52 PHE A CB   1 
ATOM 779 C CG   . PHE A 1 52 ? 1.598   3.839   -1.433  1.00 0.00 ? 52 PHE A CG   1 
ATOM 780 C CD1  . PHE A 1 52 ? 2.956   4.141   -1.593  1.00 0.00 ? 52 PHE A CD1  1 
ATOM 781 C CD2  . PHE A 1 52 ? 0.739   3.873   -2.537  1.00 0.00 ? 52 PHE A CD2  1 
ATOM 782 C CE1  . PHE A 1 52 ? 3.454   4.473   -2.858  1.00 0.00 ? 52 PHE A CE1  1 
ATOM 783 C CE2  . PHE A 1 52 ? 1.237   4.208   -3.801  1.00 0.00 ? 52 PHE A CE2  1 
ATOM 784 C CZ   . PHE A 1 52 ? 2.595   4.508   -3.960  1.00 0.00 ? 52 PHE A CZ   1 
ATOM 785 H H    . PHE A 1 52 ? 2.547   4.560   1.828   1.00 0.00 ? 52 PHE A H    1 
ATOM 786 H HA   . PHE A 1 52 ? 0.364   5.505   0.038   1.00 0.00 ? 52 PHE A HA   1 
ATOM 787 H HB2  . PHE A 1 52 ? 1.806   2.911   0.469   1.00 0.00 ? 52 PHE A HB2  1 
ATOM 788 H HB3  . PHE A 1 52 ? 0.172   2.867   -0.190  1.00 0.00 ? 52 PHE A HB3  1 
ATOM 789 H HD1  . PHE A 1 52 ? 3.617   4.115   -0.740  1.00 0.00 ? 52 PHE A HD1  1 
ATOM 790 H HD2  . PHE A 1 52 ? -0.308  3.642   -2.414  1.00 0.00 ? 52 PHE A HD2  1 
ATOM 791 H HE1  . PHE A 1 52 ? 4.501   4.704   -2.983  1.00 0.00 ? 52 PHE A HE1  1 
ATOM 792 H HE2  . PHE A 1 52 ? 0.574   4.234   -4.654  1.00 0.00 ? 52 PHE A HE2  1 
ATOM 793 H HZ   . PHE A 1 52 ? 2.979   4.763   -4.937  1.00 0.00 ? 52 PHE A HZ   1 
ATOM 794 N N    . THR A 1 53 ? -1.645  4.495   1.302   1.00 0.00 ? 53 THR A N    1 
ATOM 795 C CA   . THR A 1 53 ? -2.784  4.191   2.227   1.00 0.00 ? 53 THR A CA   1 
ATOM 796 C C    . THR A 1 53 ? -3.861  3.387   1.480   1.00 0.00 ? 53 THR A C    1 
ATOM 797 O O    . THR A 1 53 ? -4.176  3.667   0.342   1.00 0.00 ? 53 THR A O    1 
ATOM 798 C CB   . THR A 1 53 ? -3.392  5.508   2.730   1.00 0.00 ? 53 THR A CB   1 
ATOM 799 O OG1  . THR A 1 53 ? -3.599  6.384   1.636   1.00 0.00 ? 53 THR A OG1  1 
ATOM 800 C CG2  . THR A 1 53 ? -2.441  6.180   3.719   1.00 0.00 ? 53 THR A CG2  1 
ATOM 801 H H    . THR A 1 53 ? -1.827  4.754   0.371   1.00 0.00 ? 53 THR A H    1 
ATOM 802 H HA   . THR A 1 53 ? -2.427  3.614   3.068   1.00 0.00 ? 53 THR A HA   1 
ATOM 803 H HB   . THR A 1 53 ? -4.334  5.310   3.222   1.00 0.00 ? 53 THR A HB   1 
ATOM 804 H HG1  . THR A 1 53 ? -3.256  5.957   0.835   1.00 0.00 ? 53 THR A HG1  1 
ATOM 805 H HG21 . THR A 1 53 ? -1.466  6.282   3.266   1.00 0.00 ? 53 THR A HG21 1 
ATOM 806 H HG22 . THR A 1 53 ? -2.822  7.157   3.972   1.00 0.00 ? 53 THR A HG22 1 
ATOM 807 H HG23 . THR A 1 53 ? -2.362  5.582   4.613   1.00 0.00 ? 53 THR A HG23 1 
ATOM 808 N N    . VAL A 1 54 ? -4.425  2.390   2.116   1.00 0.00 ? 54 VAL A N    1 
ATOM 809 C CA   . VAL A 1 54 ? -5.486  1.565   1.449   1.00 0.00 ? 54 VAL A CA   1 
ATOM 810 C C    . VAL A 1 54 ? -6.554  1.179   2.480   1.00 0.00 ? 54 VAL A C    1 
ATOM 811 O O    . VAL A 1 54 ? -6.291  1.123   3.669   1.00 0.00 ? 54 VAL A O    1 
ATOM 812 C CB   . VAL A 1 54 ? -4.858  0.288   0.863   1.00 0.00 ? 54 VAL A CB   1 
ATOM 813 C CG1  . VAL A 1 54 ? -5.893  -0.839  0.811   1.00 0.00 ? 54 VAL A CG1  1 
ATOM 814 C CG2  . VAL A 1 54 ? -4.372  0.564   -0.557  1.00 0.00 ? 54 VAL A CG2  1 
ATOM 815 H H    . VAL A 1 54 ? -4.156  2.181   3.035   1.00 0.00 ? 54 VAL A H    1 
ATOM 816 H HA   . VAL A 1 54 ? -5.946  2.139   0.656   1.00 0.00 ? 54 VAL A HA   1 
ATOM 817 H HB   . VAL A 1 54 ? -4.022  -0.017  1.476   1.00 0.00 ? 54 VAL A HB   1 
ATOM 818 H HG11 . VAL A 1 54 ? -6.784  -0.490  0.308   1.00 0.00 ? 54 VAL A HG11 1 
ATOM 819 H HG12 . VAL A 1 54 ? -5.482  -1.680  0.265   1.00 0.00 ? 54 VAL A HG12 1 
ATOM 820 H HG13 . VAL A 1 54 ? -6.143  -1.150  1.814   1.00 0.00 ? 54 VAL A HG13 1 
ATOM 821 H HG21 . VAL A 1 54 ? -3.848  1.506   -0.586  1.00 0.00 ? 54 VAL A HG21 1 
ATOM 822 H HG22 . VAL A 1 54 ? -3.709  -0.229  -0.870  1.00 0.00 ? 54 VAL A HG22 1 
ATOM 823 H HG23 . VAL A 1 54 ? -5.221  0.606   -1.225  1.00 0.00 ? 54 VAL A HG23 1 
ATOM 824 N N    . THR A 1 55 ? -7.752  0.906   2.041   1.00 0.00 ? 55 THR A N    1 
ATOM 825 C CA   . THR A 1 55 ? -8.834  0.512   3.001   1.00 0.00 ? 55 THR A CA   1 
ATOM 826 C C    . THR A 1 55 ? -9.994  -0.141  2.240   1.00 0.00 ? 55 THR A C    1 
ATOM 827 O O    . THR A 1 55 ? -10.253 0.179   1.096   1.00 0.00 ? 55 THR A O    1 
ATOM 828 C CB   . THR A 1 55 ? -9.336  1.754   3.752   1.00 0.00 ? 55 THR A CB   1 
ATOM 829 O OG1  . THR A 1 55 ? -8.293  2.263   4.571   1.00 0.00 ? 55 THR A OG1  1 
ATOM 830 C CG2  . THR A 1 55 ? -10.521 1.383   4.640   1.00 0.00 ? 55 THR A CG2  1 
ATOM 831 H H    . THR A 1 55 ? -7.944  0.952   1.079   1.00 0.00 ? 55 THR A H    1 
ATOM 832 H HA   . THR A 1 55 ? -8.436  -0.194  3.711   1.00 0.00 ? 55 THR A HA   1 
ATOM 833 H HB   . THR A 1 55 ? -9.644  2.509   3.041   1.00 0.00 ? 55 THR A HB   1 
ATOM 834 H HG1  . THR A 1 55 ? -7.472  1.816   4.318   1.00 0.00 ? 55 THR A HG1  1 
ATOM 835 H HG21 . THR A 1 55 ? -10.325 0.441   5.129   1.00 0.00 ? 55 THR A HG21 1 
ATOM 836 H HG22 . THR A 1 55 ? -10.666 2.151   5.385   1.00 0.00 ? 55 THR A HG22 1 
ATOM 837 H HG23 . THR A 1 55 ? -11.414 1.296   4.036   1.00 0.00 ? 55 THR A HG23 1 
ATOM 838 N N    . GLU A 1 56 ? -10.683 -1.057  2.866   1.00 0.00 ? 56 GLU A N    1 
ATOM 839 C CA   . GLU A 1 56 ? -11.823 -1.745  2.188   1.00 0.00 ? 56 GLU A CA   1 
ATOM 840 C C    . GLU A 1 56 ? -13.142 -1.055  2.557   1.00 0.00 ? 56 GLU A C    1 
ATOM 841 O O    . GLU A 1 56 ? -13.241 -0.547  3.660   1.00 0.00 ? 56 GLU A O    1 
ATOM 842 C CB   . GLU A 1 56 ? -11.874 -3.204  2.649   1.00 0.00 ? 56 GLU A CB   1 
ATOM 843 C CG   . GLU A 1 56 ? -10.589 -3.933  2.226   1.00 0.00 ? 56 GLU A CG   1 
ATOM 844 C CD   . GLU A 1 56 ? -10.337 -5.134  3.142   1.00 0.00 ? 56 GLU A CD   1 
ATOM 845 O OE1  . GLU A 1 56 ? -11.270 -5.562  3.804   1.00 0.00 ? 56 GLU A OE1  1 
ATOM 846 O OE2  . GLU A 1 56 ? -9.215  -5.593  3.177   1.00 0.00 ? 56 GLU A OE2  1 
ATOM 847 O OXT  . GLU A 1 56 ? -14.052 -1.079  1.740   1.00 0.00 ? 56 GLU A OXT  1 
ATOM 848 H H    . GLU A 1 56 ? -10.450 -1.299  3.783   1.00 0.00 ? 56 GLU A H    1 
ATOM 849 H HA   . GLU A 1 56 ? -11.686 -1.710  1.117   1.00 0.00 ? 56 GLU A HA   1 
ATOM 850 H HB2  . GLU A 1 56 ? -11.968 -3.232  3.724   1.00 0.00 ? 56 GLU A HB2  1 
ATOM 851 H HB3  . GLU A 1 56 ? -12.724 -3.693  2.200   1.00 0.00 ? 56 GLU A HB3  1 
ATOM 852 H HG2  . GLU A 1 56 ? -10.689 -4.276  1.209   1.00 0.00 ? 56 GLU A HG2  1 
ATOM 853 H HG3  . GLU A 1 56 ? -9.752  -3.256  2.295   1.00 0.00 ? 56 GLU A HG3  1 
# 
